data_5XHT
#
_entry.id   5XHT
#
loop_
_entity.id
_entity.type
_entity.pdbx_description
1 polymer 'PHD finger protein 24'
2 non-polymer 'ZINC ION'
#
_entity_poly.entity_id   1
_entity_poly.type   'polypeptide(L)'
_entity_poly.pdbx_seq_one_letter_code
;EMCDVCEVWTAESLFPCRVCTRVFHDGCLRRMGYIQGDSAAEVTEMAHTETGWSCHYCDN
;
_entity_poly.pdbx_strand_id   A
#
# COMPACT_ATOMS: atom_id res chain seq x y z
N GLU A 1 5.39 -0.57 -9.32
CA GLU A 1 4.45 -0.79 -8.22
C GLU A 1 3.19 -1.49 -8.71
N MET A 2 3.28 -2.79 -8.95
CA MET A 2 2.14 -3.56 -9.43
C MET A 2 1.65 -4.52 -8.35
N CYS A 3 0.41 -4.31 -7.91
CA CYS A 3 -0.18 -5.15 -6.88
C CYS A 3 -0.03 -6.62 -7.22
N ASP A 4 0.67 -7.35 -6.36
CA ASP A 4 0.89 -8.79 -6.56
C ASP A 4 -0.43 -9.54 -6.55
N VAL A 5 -1.50 -8.85 -6.20
CA VAL A 5 -2.82 -9.46 -6.13
C VAL A 5 -3.69 -9.02 -7.31
N CYS A 6 -3.23 -7.98 -8.01
CA CYS A 6 -3.96 -7.46 -9.17
C CYS A 6 -3.02 -7.22 -10.34
N GLU A 7 -1.99 -6.41 -10.11
CA GLU A 7 -1.01 -6.10 -11.15
C GLU A 7 -1.53 -4.96 -12.04
N VAL A 8 -1.76 -3.81 -11.44
CA VAL A 8 -2.24 -2.65 -12.18
C VAL A 8 -2.07 -1.37 -11.37
N TRP A 9 -1.17 -0.51 -11.83
CA TRP A 9 -0.90 0.76 -11.16
C TRP A 9 -1.56 1.92 -11.89
N THR A 10 -1.66 3.06 -11.22
CA THR A 10 -2.27 4.25 -11.81
C THR A 10 -1.53 5.51 -11.40
N ALA A 11 -1.93 6.09 -10.26
CA ALA A 11 -1.30 7.30 -9.75
C ALA A 11 -2.12 7.92 -8.64
N GLU A 12 -3.44 7.73 -8.70
CA GLU A 12 -4.34 8.28 -7.70
C GLU A 12 -3.69 8.27 -6.32
N SER A 13 -3.25 7.10 -5.89
CA SER A 13 -2.61 6.95 -4.58
C SER A 13 -2.61 5.49 -4.13
N LEU A 14 -1.86 4.66 -4.83
CA LEU A 14 -1.77 3.23 -4.50
C LEU A 14 -1.27 3.04 -3.08
N PHE A 15 -1.40 1.81 -2.58
CA PHE A 15 -0.97 1.49 -1.22
C PHE A 15 -0.36 0.09 -1.18
N PRO A 16 0.55 -0.12 -0.20
CA PRO A 16 0.93 0.91 0.76
C PRO A 16 1.74 2.02 0.12
N CYS A 17 2.77 1.64 -0.64
CA CYS A 17 3.64 2.61 -1.31
C CYS A 17 4.20 2.03 -2.60
N ARG A 18 5.40 2.46 -2.96
CA ARG A 18 6.06 1.99 -4.18
C ARG A 18 7.55 1.83 -3.96
N VAL A 19 8.14 2.75 -3.21
CA VAL A 19 9.57 2.71 -2.92
C VAL A 19 9.97 1.37 -2.30
N CYS A 20 9.13 0.88 -1.39
CA CYS A 20 9.40 -0.40 -0.72
C CYS A 20 9.88 -1.44 -1.73
N THR A 21 8.92 -2.10 -2.38
CA THR A 21 9.25 -3.13 -3.36
C THR A 21 7.99 -3.62 -4.07
N ARG A 22 6.94 -3.88 -3.30
CA ARG A 22 5.68 -4.36 -3.85
C ARG A 22 4.51 -3.54 -3.31
N VAL A 23 3.36 -3.66 -3.96
CA VAL A 23 2.16 -2.93 -3.56
C VAL A 23 1.02 -3.90 -3.21
N PHE A 24 0.18 -3.50 -2.27
CA PHE A 24 -0.94 -4.33 -1.84
C PHE A 24 -2.18 -3.46 -1.58
N HIS A 25 -3.20 -3.62 -2.43
CA HIS A 25 -4.43 -2.88 -2.29
C HIS A 25 -5.03 -3.05 -0.90
N ASP A 26 -5.21 -1.94 -0.19
CA ASP A 26 -5.77 -1.98 1.15
C ASP A 26 -6.98 -2.92 1.22
N GLY A 27 -7.59 -3.16 0.07
CA GLY A 27 -8.75 -4.03 0.02
C GLY A 27 -8.37 -5.48 -0.27
N CYS A 28 -7.30 -5.67 -1.05
CA CYS A 28 -6.84 -7.01 -1.39
C CYS A 28 -6.48 -7.79 -0.14
N LEU A 29 -5.63 -7.21 0.70
CA LEU A 29 -5.20 -7.87 1.93
C LEU A 29 -6.40 -8.33 2.74
N ARG A 30 -7.51 -7.60 2.64
CA ARG A 30 -8.73 -7.93 3.36
C ARG A 30 -9.61 -8.86 2.53
N ARG A 31 -9.51 -8.74 1.21
CA ARG A 31 -10.30 -9.56 0.30
C ARG A 31 -9.69 -10.94 0.14
N MET A 32 -8.41 -11.06 0.49
CA MET A 32 -7.70 -12.34 0.39
C MET A 32 -7.65 -13.05 1.74
N GLY A 33 -7.73 -12.27 2.81
CA GLY A 33 -7.69 -12.84 4.15
C GLY A 33 -6.31 -12.78 4.77
N TYR A 34 -5.45 -11.94 4.21
CA TYR A 34 -4.09 -11.79 4.71
C TYR A 34 -4.07 -11.14 6.09
N ILE A 35 -4.28 -9.83 6.11
CA ILE A 35 -4.30 -9.09 7.36
C ILE A 35 -5.68 -9.13 8.01
N GLN A 36 -5.73 -8.97 9.33
CA GLN A 36 -6.99 -8.99 10.06
C GLN A 36 -6.91 -8.08 11.28
N GLY A 37 -6.72 -6.79 11.05
CA GLY A 37 -6.63 -5.85 12.14
C GLY A 37 -5.92 -4.57 11.75
N ASP A 38 -5.69 -3.69 12.73
CA ASP A 38 -5.00 -2.43 12.48
C ASP A 38 -3.50 -2.65 12.35
N SER A 39 -3.04 -2.92 11.13
CA SER A 39 -1.63 -3.16 10.87
C SER A 39 -1.00 -1.94 10.19
N ALA A 40 -1.33 -0.76 10.68
CA ALA A 40 -0.79 0.48 10.13
C ALA A 40 -1.27 1.68 10.93
N ALA A 41 -1.02 2.88 10.39
CA ALA A 41 -1.41 4.12 11.05
C ALA A 41 -2.70 4.66 10.46
N GLU A 42 -3.09 4.15 9.29
CA GLU A 42 -4.30 4.58 8.62
C GLU A 42 -4.54 6.07 8.86
N VAL A 43 -3.46 6.84 8.96
CA VAL A 43 -3.56 8.27 9.18
C VAL A 43 -3.35 9.05 7.88
N THR A 44 -2.52 8.51 7.00
CA THR A 44 -2.23 9.15 5.72
C THR A 44 -1.52 8.18 4.77
N GLU A 45 -1.84 8.27 3.49
CA GLU A 45 -1.24 7.42 2.49
C GLU A 45 -0.31 8.21 1.58
N MET A 46 -0.86 8.69 0.45
CA MET A 46 -0.09 9.48 -0.50
C MET A 46 1.06 8.66 -1.07
N ALA A 47 0.89 8.18 -2.30
CA ALA A 47 1.92 7.38 -2.96
C ALA A 47 2.95 8.27 -3.64
N HIS A 48 3.05 9.51 -3.19
CA HIS A 48 3.99 10.46 -3.76
C HIS A 48 4.42 11.50 -2.73
N THR A 49 3.69 12.62 -2.68
CA THR A 49 4.00 13.69 -1.74
C THR A 49 4.53 13.13 -0.43
N GLU A 50 5.66 13.67 0.03
CA GLU A 50 6.27 13.22 1.28
C GLU A 50 5.21 12.97 2.34
N THR A 51 5.42 11.96 3.18
CA THR A 51 4.49 11.63 4.24
C THR A 51 4.99 10.43 5.06
N GLY A 52 4.13 9.92 5.93
CA GLY A 52 4.50 8.79 6.76
C GLY A 52 3.96 7.48 6.22
N TRP A 53 4.35 7.15 4.99
CA TRP A 53 3.90 5.92 4.36
C TRP A 53 4.56 4.70 4.99
N SER A 54 3.92 4.14 6.01
CA SER A 54 4.46 2.98 6.71
C SER A 54 4.04 1.69 6.01
N CYS A 55 4.89 0.67 6.12
CA CYS A 55 4.60 -0.63 5.50
C CYS A 55 5.32 -1.75 6.25
N HIS A 56 5.19 -2.97 5.72
CA HIS A 56 5.83 -4.12 6.34
C HIS A 56 7.34 -4.06 6.19
N TYR A 57 7.81 -3.70 5.01
CA TYR A 57 9.24 -3.60 4.73
C TYR A 57 9.73 -2.17 4.93
N CYS A 58 8.79 -1.23 4.99
CA CYS A 58 9.13 0.18 5.18
C CYS A 58 10.03 0.37 6.39
N ASP A 59 9.43 0.26 7.58
CA ASP A 59 10.18 0.42 8.82
C ASP A 59 10.33 1.90 9.18
N ASN A 60 11.15 2.61 8.40
CA ASN A 60 11.39 4.02 8.63
C ASN A 60 11.58 4.31 10.11
N GLU A 1 4.96 -1.74 -12.35
CA GLU A 1 4.64 -1.90 -10.94
C GLU A 1 3.15 -1.72 -10.68
N MET A 2 2.45 -2.85 -10.58
CA MET A 2 1.00 -2.82 -10.34
C MET A 2 0.61 -3.88 -9.32
N CYS A 3 -0.40 -3.56 -8.50
CA CYS A 3 -0.87 -4.50 -7.49
C CYS A 3 -0.78 -5.94 -7.97
N ASP A 4 0.00 -6.75 -7.27
CA ASP A 4 0.17 -8.15 -7.63
C ASP A 4 -1.13 -8.92 -7.43
N VAL A 5 -2.14 -8.24 -6.90
CA VAL A 5 -3.43 -8.87 -6.64
C VAL A 5 -4.49 -8.35 -7.61
N CYS A 6 -4.30 -7.13 -8.09
CA CYS A 6 -5.24 -6.51 -9.02
C CYS A 6 -4.59 -6.27 -10.37
N GLU A 7 -3.37 -5.73 -10.34
CA GLU A 7 -2.63 -5.45 -11.57
C GLU A 7 -3.17 -4.20 -12.26
N VAL A 8 -3.23 -3.11 -11.50
CA VAL A 8 -3.72 -1.84 -12.03
C VAL A 8 -2.95 -0.66 -11.45
N TRP A 9 -2.19 0.01 -12.31
CA TRP A 9 -1.39 1.16 -11.88
C TRP A 9 -1.98 2.46 -12.41
N THR A 10 -1.70 3.56 -11.72
CA THR A 10 -2.21 4.86 -12.12
C THR A 10 -1.14 5.94 -11.99
N ALA A 11 -1.04 6.53 -10.80
CA ALA A 11 -0.04 7.56 -10.55
C ALA A 11 -0.22 8.15 -9.16
N GLU A 12 -1.46 8.26 -8.71
CA GLU A 12 -1.76 8.82 -7.39
C GLU A 12 -0.81 8.26 -6.35
N SER A 13 -1.21 7.16 -5.70
CA SER A 13 -0.38 6.54 -4.68
C SER A 13 -0.74 5.06 -4.52
N LEU A 14 0.24 4.21 -4.79
CA LEU A 14 0.04 2.76 -4.68
C LEU A 14 0.70 2.21 -3.41
N PHE A 15 0.11 1.16 -2.86
CA PHE A 15 0.64 0.53 -1.66
C PHE A 15 1.43 -0.74 -2.00
N PRO A 16 2.39 -1.08 -1.14
CA PRO A 16 2.69 -0.31 0.08
C PRO A 16 3.33 1.04 -0.23
N CYS A 17 4.37 1.02 -1.05
CA CYS A 17 5.06 2.24 -1.43
C CYS A 17 5.76 2.08 -2.78
N ARG A 18 6.82 1.27 -2.80
CA ARG A 18 7.57 1.03 -4.03
C ARG A 18 8.97 0.49 -3.70
N VAL A 19 9.45 0.79 -2.50
CA VAL A 19 10.76 0.33 -2.08
C VAL A 19 10.66 -0.92 -1.20
N CYS A 20 9.92 -0.80 -0.11
CA CYS A 20 9.74 -1.92 0.81
C CYS A 20 9.72 -3.24 0.06
N THR A 21 8.53 -3.67 -0.34
CA THR A 21 8.37 -4.92 -1.08
C THR A 21 7.54 -4.72 -2.34
N ARG A 22 6.94 -5.81 -2.82
CA ARG A 22 6.12 -5.75 -4.03
C ARG A 22 5.04 -4.69 -3.89
N VAL A 23 4.08 -4.71 -4.82
CA VAL A 23 2.99 -3.75 -4.81
C VAL A 23 1.66 -4.43 -4.52
N PHE A 24 0.96 -3.94 -3.51
CA PHE A 24 -0.33 -4.51 -3.13
C PHE A 24 -1.25 -3.44 -2.54
N HIS A 25 -2.55 -3.71 -2.55
CA HIS A 25 -3.52 -2.77 -2.01
C HIS A 25 -3.79 -3.04 -0.53
N ASP A 26 -3.74 -1.99 0.27
CA ASP A 26 -3.98 -2.12 1.72
C ASP A 26 -5.21 -2.98 1.99
N GLY A 27 -6.12 -3.03 1.03
CA GLY A 27 -7.33 -3.80 1.17
C GLY A 27 -7.19 -5.21 0.63
N CYS A 28 -6.33 -5.37 -0.38
CA CYS A 28 -6.11 -6.67 -1.00
C CYS A 28 -5.40 -7.61 -0.04
N LEU A 29 -4.46 -7.07 0.72
CA LEU A 29 -3.70 -7.87 1.68
C LEU A 29 -4.64 -8.61 2.63
N ARG A 30 -5.73 -7.96 3.00
CA ARG A 30 -6.71 -8.57 3.90
C ARG A 30 -7.60 -9.56 3.16
N ARG A 31 -7.98 -9.20 1.94
CA ARG A 31 -8.83 -10.06 1.12
C ARG A 31 -8.13 -11.39 0.82
N MET A 32 -6.81 -11.32 0.65
CA MET A 32 -6.03 -12.52 0.36
C MET A 32 -5.55 -13.18 1.65
N GLY A 33 -5.85 -12.55 2.79
CA GLY A 33 -5.44 -13.09 4.06
C GLY A 33 -3.94 -13.01 4.28
N TYR A 34 -3.28 -12.13 3.53
CA TYR A 34 -1.84 -11.95 3.64
C TYR A 34 -1.46 -11.32 4.98
N ILE A 35 -2.32 -10.43 5.46
CA ILE A 35 -2.09 -9.75 6.73
C ILE A 35 -3.35 -9.70 7.57
N GLN A 36 -3.20 -9.35 8.85
CA GLN A 36 -4.32 -9.28 9.77
C GLN A 36 -4.21 -8.05 10.67
N GLY A 37 -4.39 -6.87 10.08
CA GLY A 37 -4.31 -5.64 10.85
C GLY A 37 -4.94 -4.47 10.14
N ASP A 38 -5.02 -3.33 10.83
CA ASP A 38 -5.61 -2.13 10.24
C ASP A 38 -4.60 -0.98 10.22
N SER A 39 -4.61 -0.21 9.13
CA SER A 39 -3.69 0.91 8.99
C SER A 39 -4.44 2.23 9.03
N ALA A 40 -3.73 3.31 9.34
CA ALA A 40 -4.33 4.63 9.41
C ALA A 40 -3.65 5.60 8.44
N ALA A 41 -3.77 6.89 8.70
CA ALA A 41 -3.16 7.91 7.85
C ALA A 41 -3.57 7.71 6.39
N GLU A 42 -4.57 8.48 5.94
CA GLU A 42 -5.04 8.38 4.57
C GLU A 42 -5.76 9.67 4.16
N VAL A 43 -4.97 10.70 3.83
CA VAL A 43 -5.54 11.97 3.41
C VAL A 43 -4.83 12.51 2.17
N THR A 44 -5.38 12.19 1.00
CA THR A 44 -4.80 12.62 -0.26
C THR A 44 -3.37 12.13 -0.41
N GLU A 45 -3.16 11.20 -1.34
CA GLU A 45 -1.84 10.66 -1.58
C GLU A 45 -1.36 10.98 -2.99
N MET A 46 -0.05 11.15 -3.15
CA MET A 46 0.53 11.46 -4.45
C MET A 46 1.82 10.67 -4.68
N ALA A 47 1.81 9.41 -4.26
CA ALA A 47 2.98 8.55 -4.43
C ALA A 47 4.13 9.02 -3.55
N HIS A 48 4.79 10.10 -3.99
CA HIS A 48 5.93 10.65 -3.24
C HIS A 48 5.79 12.16 -3.12
N THR A 49 4.88 12.61 -2.27
CA THR A 49 4.65 14.03 -2.05
C THR A 49 3.69 14.28 -0.91
N GLU A 50 2.67 13.42 -0.81
CA GLU A 50 1.67 13.55 0.24
C GLU A 50 2.31 13.37 1.62
N THR A 51 1.48 13.09 2.62
CA THR A 51 1.96 12.90 3.98
C THR A 51 3.11 11.89 4.03
N GLY A 52 2.89 10.73 3.41
CA GLY A 52 3.90 9.70 3.38
C GLY A 52 3.32 8.31 3.19
N TRP A 53 3.80 7.61 2.16
CA TRP A 53 3.32 6.27 1.88
C TRP A 53 3.82 5.28 2.92
N SER A 54 2.94 4.92 3.85
CA SER A 54 3.28 3.98 4.91
C SER A 54 2.66 2.61 4.65
N CYS A 55 3.33 1.56 5.12
CA CYS A 55 2.83 0.20 4.94
C CYS A 55 3.16 -0.66 6.16
N HIS A 56 2.43 -1.77 6.29
CA HIS A 56 2.65 -2.68 7.42
C HIS A 56 4.13 -2.84 7.72
N TYR A 57 4.93 -3.08 6.68
CA TYR A 57 6.36 -3.25 6.85
C TYR A 57 7.12 -2.21 6.04
N CYS A 58 7.03 -0.95 6.47
CA CYS A 58 7.71 0.14 5.79
C CYS A 58 9.14 0.31 6.32
N ASP A 59 9.26 0.82 7.54
CA ASP A 59 10.55 1.03 8.16
C ASP A 59 10.82 -0.02 9.23
N ASN A 60 9.96 -1.03 9.29
CA ASN A 60 10.10 -2.10 10.28
C ASN A 60 10.34 -3.44 9.59
N GLU A 1 5.02 -1.24 -10.32
CA GLU A 1 4.21 -1.36 -9.11
C GLU A 1 2.81 -1.86 -9.43
N MET A 2 2.74 -3.05 -10.02
CA MET A 2 1.44 -3.64 -10.38
C MET A 2 0.97 -4.62 -9.30
N CYS A 3 -0.07 -4.23 -8.58
CA CYS A 3 -0.62 -5.06 -7.52
C CYS A 3 -0.58 -6.54 -7.92
N ASP A 4 -0.07 -7.36 -7.00
CA ASP A 4 0.03 -8.80 -7.25
C ASP A 4 -1.33 -9.47 -7.14
N VAL A 5 -2.37 -8.66 -6.96
CA VAL A 5 -3.74 -9.17 -6.84
C VAL A 5 -4.67 -8.47 -7.82
N CYS A 6 -4.15 -7.47 -8.52
CA CYS A 6 -4.93 -6.72 -9.49
C CYS A 6 -4.10 -6.37 -10.71
N GLU A 7 -2.83 -6.04 -10.49
CA GLU A 7 -1.93 -5.68 -11.58
C GLU A 7 -2.35 -4.37 -12.24
N VAL A 8 -2.35 -3.30 -11.45
CA VAL A 8 -2.73 -1.99 -11.95
C VAL A 8 -2.24 -0.88 -11.02
N TRP A 9 -1.36 -0.03 -11.54
CA TRP A 9 -0.81 1.07 -10.75
C TRP A 9 -1.54 2.38 -11.07
N THR A 10 -1.34 3.38 -10.22
CA THR A 10 -1.97 4.68 -10.40
C THR A 10 -1.00 5.81 -10.06
N ALA A 11 -1.05 6.27 -8.82
CA ALA A 11 -0.19 7.35 -8.36
C ALA A 11 -0.70 7.95 -7.06
N GLU A 12 -2.02 8.07 -6.95
CA GLU A 12 -2.64 8.63 -5.76
C GLU A 12 -1.85 8.25 -4.50
N SER A 13 -1.92 6.97 -4.14
CA SER A 13 -1.22 6.48 -2.96
C SER A 13 -1.31 4.96 -2.87
N LEU A 14 -0.61 4.28 -3.77
CA LEU A 14 -0.61 2.83 -3.79
C LEU A 14 0.41 2.25 -2.80
N PHE A 15 -0.04 1.31 -1.98
CA PHE A 15 0.84 0.69 -0.99
C PHE A 15 1.63 -0.46 -1.60
N PRO A 16 2.80 -0.75 -1.02
CA PRO A 16 3.32 -0.01 0.15
C PRO A 16 3.73 1.42 -0.22
N CYS A 17 4.53 1.55 -1.26
CA CYS A 17 5.00 2.86 -1.70
C CYS A 17 5.81 2.75 -2.99
N ARG A 18 6.78 1.85 -2.98
CA ARG A 18 7.64 1.64 -4.15
C ARG A 18 8.92 0.93 -3.76
N VAL A 19 9.63 1.48 -2.77
CA VAL A 19 10.88 0.89 -2.30
C VAL A 19 10.63 -0.35 -1.45
N CYS A 20 9.70 -0.22 -0.50
CA CYS A 20 9.36 -1.33 0.38
C CYS A 20 9.46 -2.67 -0.37
N THR A 21 8.45 -2.94 -1.21
CA THR A 21 8.42 -4.17 -1.97
C THR A 21 7.19 -4.23 -2.88
N ARG A 22 6.75 -5.44 -3.19
CA ARG A 22 5.57 -5.62 -4.05
C ARG A 22 4.46 -4.64 -3.67
N VAL A 23 3.48 -4.50 -4.55
CA VAL A 23 2.37 -3.59 -4.31
C VAL A 23 1.11 -4.36 -3.91
N PHE A 24 0.42 -3.86 -2.89
CA PHE A 24 -0.80 -4.50 -2.40
C PHE A 24 -1.88 -3.47 -2.14
N HIS A 25 -3.13 -3.87 -2.31
CA HIS A 25 -4.26 -2.97 -2.08
C HIS A 25 -4.84 -3.17 -0.69
N ASP A 26 -4.95 -2.09 0.07
CA ASP A 26 -5.49 -2.15 1.42
C ASP A 26 -6.64 -3.15 1.50
N GLY A 27 -7.33 -3.34 0.39
CA GLY A 27 -8.45 -4.28 0.36
C GLY A 27 -8.02 -5.68 -0.03
N CYS A 28 -7.11 -5.76 -0.99
CA CYS A 28 -6.62 -7.06 -1.47
C CYS A 28 -6.01 -7.85 -0.31
N LEU A 29 -5.01 -7.26 0.34
CA LEU A 29 -4.35 -7.92 1.47
C LEU A 29 -5.36 -8.50 2.44
N ARG A 30 -6.38 -7.72 2.78
CA ARG A 30 -7.41 -8.16 3.70
C ARG A 30 -8.23 -9.30 3.09
N ARG A 31 -8.72 -9.08 1.87
CA ARG A 31 -9.51 -10.10 1.19
C ARG A 31 -8.64 -11.26 0.72
N MET A 32 -7.34 -11.17 1.00
CA MET A 32 -6.41 -12.21 0.61
C MET A 32 -5.75 -12.82 1.84
N GLY A 33 -5.84 -12.14 2.98
CA GLY A 33 -5.25 -12.65 4.20
C GLY A 33 -3.75 -12.45 4.24
N TYR A 34 -3.23 -11.73 3.25
CA TYR A 34 -1.79 -11.48 3.17
C TYR A 34 -1.28 -10.83 4.46
N ILE A 35 -2.15 -10.07 5.12
CA ILE A 35 -1.79 -9.40 6.36
C ILE A 35 -2.25 -10.20 7.58
N GLN A 36 -1.84 -9.76 8.76
CA GLN A 36 -2.22 -10.44 10.00
C GLN A 36 -3.19 -9.59 10.81
N GLY A 37 -2.90 -8.29 10.92
CA GLY A 37 -3.76 -7.41 11.67
C GLY A 37 -2.99 -6.29 12.36
N ASP A 38 -1.97 -5.78 11.68
CA ASP A 38 -1.15 -4.70 12.23
C ASP A 38 -1.00 -3.56 11.22
N SER A 39 -1.94 -2.62 11.27
CA SER A 39 -1.91 -1.48 10.36
C SER A 39 -2.49 -0.24 11.03
N ALA A 40 -1.68 0.82 11.07
CA ALA A 40 -2.11 2.07 11.68
C ALA A 40 -1.70 3.27 10.83
N ALA A 41 -1.54 4.41 11.48
CA ALA A 41 -1.15 5.64 10.78
C ALA A 41 -2.17 6.02 9.72
N GLU A 42 -2.91 7.09 9.97
CA GLU A 42 -3.92 7.55 9.03
C GLU A 42 -3.62 8.97 8.56
N VAL A 43 -2.34 9.32 8.52
CA VAL A 43 -1.91 10.64 8.09
C VAL A 43 -2.45 10.97 6.70
N THR A 44 -2.01 10.20 5.71
CA THR A 44 -2.44 10.40 4.33
C THR A 44 -1.56 9.61 3.36
N GLU A 45 -0.24 9.74 3.52
CA GLU A 45 0.70 9.04 2.66
C GLU A 45 0.56 9.50 1.21
N MET A 46 1.67 9.47 0.48
CA MET A 46 1.68 9.89 -0.92
C MET A 46 2.69 9.09 -1.73
N ALA A 47 2.76 7.79 -1.46
CA ALA A 47 3.69 6.91 -2.15
C ALA A 47 5.12 7.41 -2.02
N HIS A 48 5.50 8.35 -2.88
CA HIS A 48 6.85 8.91 -2.87
C HIS A 48 6.81 10.41 -3.16
N THR A 49 6.08 11.15 -2.33
CA THR A 49 5.97 12.60 -2.51
C THR A 49 5.95 13.31 -1.16
N GLU A 50 5.20 12.75 -0.21
CA GLU A 50 5.09 13.34 1.13
C GLU A 50 5.86 12.50 2.15
N THR A 51 6.80 13.13 2.85
CA THR A 51 7.60 12.45 3.85
C THR A 51 6.71 11.79 4.91
N GLY A 52 7.17 10.67 5.46
CA GLY A 52 6.41 9.97 6.47
C GLY A 52 5.38 9.03 5.87
N TRP A 53 5.84 7.87 5.41
CA TRP A 53 4.95 6.88 4.82
C TRP A 53 5.09 5.53 5.52
N SER A 54 3.95 4.95 5.89
CA SER A 54 3.95 3.65 6.57
C SER A 54 3.47 2.55 5.64
N CYS A 55 3.94 1.34 5.88
CA CYS A 55 3.56 0.20 5.06
C CYS A 55 3.73 -1.12 5.84
N HIS A 56 4.04 -2.19 5.12
CA HIS A 56 4.22 -3.50 5.74
C HIS A 56 5.64 -3.63 6.28
N TYR A 57 6.51 -2.71 5.89
CA TYR A 57 7.90 -2.73 6.33
C TYR A 57 8.55 -1.36 6.17
N CYS A 58 7.73 -0.31 6.20
CA CYS A 58 8.22 1.05 6.04
C CYS A 58 8.90 1.54 7.33
N ASP A 59 8.77 0.74 8.39
CA ASP A 59 9.38 1.08 9.68
C ASP A 59 8.79 2.39 10.21
N ASN A 60 9.43 3.49 9.89
CA ASN A 60 8.98 4.81 10.34
C ASN A 60 8.41 4.73 11.76
N GLU A 1 5.55 -0.66 -9.54
CA GLU A 1 4.63 -0.78 -8.42
C GLU A 1 3.27 -1.29 -8.89
N MET A 2 3.11 -2.62 -8.94
CA MET A 2 1.86 -3.23 -9.37
C MET A 2 1.39 -4.26 -8.36
N CYS A 3 0.26 -3.96 -7.71
CA CYS A 3 -0.30 -4.85 -6.71
C CYS A 3 -0.07 -6.31 -7.09
N ASP A 4 0.68 -7.02 -6.27
CA ASP A 4 0.98 -8.43 -6.52
C ASP A 4 -0.30 -9.26 -6.54
N VAL A 5 -1.41 -8.64 -6.15
CA VAL A 5 -2.70 -9.32 -6.13
C VAL A 5 -3.56 -8.90 -7.33
N CYS A 6 -3.15 -7.82 -7.98
CA CYS A 6 -3.89 -7.32 -9.14
C CYS A 6 -2.94 -7.03 -10.30
N GLU A 7 -1.95 -6.19 -10.06
CA GLU A 7 -0.98 -5.83 -11.09
C GLU A 7 -1.51 -4.73 -11.98
N VAL A 8 -1.97 -3.64 -11.37
CA VAL A 8 -2.51 -2.51 -12.11
C VAL A 8 -2.35 -1.21 -11.33
N TRP A 9 -1.27 -0.49 -11.59
CA TRP A 9 -1.00 0.77 -10.92
C TRP A 9 -2.12 1.78 -11.16
N THR A 10 -2.44 2.58 -10.16
CA THR A 10 -3.49 3.58 -10.26
C THR A 10 -2.91 4.96 -10.53
N ALA A 11 -2.69 5.72 -9.45
CA ALA A 11 -2.13 7.06 -9.57
C ALA A 11 -2.39 7.87 -8.29
N GLU A 12 -3.62 7.82 -7.80
CA GLU A 12 -3.99 8.54 -6.59
C GLU A 12 -3.01 8.25 -5.46
N SER A 13 -2.67 6.98 -5.29
CA SER A 13 -1.75 6.57 -4.24
C SER A 13 -1.87 5.07 -3.96
N LEU A 14 -1.05 4.28 -4.64
CA LEU A 14 -1.08 2.83 -4.46
C LEU A 14 -0.83 2.45 -3.01
N PHE A 15 -0.90 1.16 -2.72
CA PHE A 15 -0.67 0.67 -1.36
C PHE A 15 0.16 -0.60 -1.37
N PRO A 16 0.87 -0.85 -0.26
CA PRO A 16 0.87 0.04 0.90
C PRO A 16 1.57 1.37 0.62
N CYS A 17 2.77 1.28 0.06
CA CYS A 17 3.55 2.47 -0.26
C CYS A 17 3.75 2.61 -1.76
N ARG A 18 4.61 3.53 -2.16
CA ARG A 18 4.89 3.75 -3.58
C ARG A 18 6.35 3.43 -3.90
N VAL A 19 7.13 3.18 -2.86
CA VAL A 19 8.54 2.84 -3.04
C VAL A 19 8.77 1.34 -2.97
N CYS A 20 8.43 0.75 -1.83
CA CYS A 20 8.59 -0.69 -1.64
C CYS A 20 8.09 -1.47 -2.84
N THR A 21 9.01 -2.09 -3.58
CA THR A 21 8.67 -2.86 -4.76
C THR A 21 7.31 -3.55 -4.58
N ARG A 22 7.35 -4.78 -4.07
CA ARG A 22 6.13 -5.54 -3.86
C ARG A 22 5.03 -4.67 -3.26
N VAL A 23 4.00 -4.38 -4.06
CA VAL A 23 2.89 -3.55 -3.61
C VAL A 23 1.64 -4.39 -3.39
N PHE A 24 0.80 -3.96 -2.45
CA PHE A 24 -0.44 -4.67 -2.15
C PHE A 24 -1.52 -3.70 -1.67
N HIS A 25 -2.64 -3.69 -2.37
CA HIS A 25 -3.76 -2.81 -2.01
C HIS A 25 -4.29 -3.14 -0.62
N ASP A 26 -4.22 -2.17 0.27
CA ASP A 26 -4.69 -2.35 1.64
C ASP A 26 -6.09 -2.97 1.65
N GLY A 27 -6.79 -2.86 0.53
CA GLY A 27 -8.13 -3.41 0.42
C GLY A 27 -8.13 -4.83 -0.12
N CYS A 28 -7.10 -5.18 -0.88
CA CYS A 28 -6.99 -6.50 -1.46
C CYS A 28 -6.74 -7.55 -0.37
N LEU A 29 -5.60 -7.44 0.29
CA LEU A 29 -5.24 -8.38 1.35
C LEU A 29 -6.46 -8.70 2.22
N ARG A 30 -7.23 -7.68 2.56
CA ARG A 30 -8.42 -7.86 3.38
C ARG A 30 -9.39 -8.84 2.74
N ARG A 31 -9.60 -8.69 1.44
CA ARG A 31 -10.51 -9.56 0.70
C ARG A 31 -9.74 -10.72 0.06
N MET A 32 -8.45 -10.82 0.38
CA MET A 32 -7.62 -11.88 -0.16
C MET A 32 -7.30 -12.92 0.91
N GLY A 33 -7.23 -12.48 2.16
CA GLY A 33 -6.93 -13.38 3.26
C GLY A 33 -5.45 -13.57 3.47
N TYR A 34 -4.68 -12.51 3.29
CA TYR A 34 -3.23 -12.55 3.47
C TYR A 34 -2.71 -11.25 4.06
N ILE A 35 -3.62 -10.39 4.50
CA ILE A 35 -3.25 -9.12 5.09
C ILE A 35 -2.54 -9.31 6.42
N GLN A 36 -1.73 -8.33 6.80
CA GLN A 36 -0.99 -8.39 8.06
C GLN A 36 -1.35 -7.21 8.96
N GLY A 37 -0.96 -6.01 8.53
CA GLY A 37 -1.24 -4.82 9.31
C GLY A 37 -1.88 -3.72 8.48
N ASP A 38 -2.50 -2.76 9.15
CA ASP A 38 -3.14 -1.65 8.47
C ASP A 38 -2.34 -0.36 8.63
N SER A 39 -2.34 0.47 7.59
CA SER A 39 -1.60 1.72 7.62
C SER A 39 -2.23 2.70 8.62
N ALA A 40 -1.40 3.55 9.20
CA ALA A 40 -1.87 4.54 10.17
C ALA A 40 -1.21 5.89 9.94
N ALA A 41 -1.28 6.75 10.95
CA ALA A 41 -0.68 8.08 10.87
C ALA A 41 -1.61 9.05 10.15
N GLU A 42 -2.64 8.52 9.51
CA GLU A 42 -3.60 9.34 8.79
C GLU A 42 -2.92 10.56 8.17
N VAL A 43 -1.68 10.37 7.71
CA VAL A 43 -0.93 11.45 7.09
C VAL A 43 -1.69 12.07 5.93
N THR A 44 -1.67 11.40 4.78
CA THR A 44 -2.37 11.89 3.60
C THR A 44 -2.16 10.95 2.41
N GLU A 45 -0.94 10.45 2.25
CA GLU A 45 -0.62 9.54 1.17
C GLU A 45 -0.98 10.16 -0.18
N MET A 46 0.05 10.49 -0.96
CA MET A 46 -0.16 11.09 -2.28
C MET A 46 0.83 10.53 -3.28
N ALA A 47 1.43 9.40 -2.96
CA ALA A 47 2.41 8.76 -3.84
C ALA A 47 3.60 9.68 -4.10
N HIS A 48 3.67 10.77 -3.35
CA HIS A 48 4.76 11.74 -3.51
C HIS A 48 5.08 12.39 -2.17
N THR A 49 4.04 12.80 -1.44
CA THR A 49 4.23 13.44 -0.14
C THR A 49 5.24 12.69 0.71
N GLU A 50 5.74 13.35 1.75
CA GLU A 50 6.71 12.74 2.64
C GLU A 50 6.01 12.06 3.82
N THR A 51 6.72 11.13 4.46
CA THR A 51 6.18 10.40 5.60
C THR A 51 4.69 10.11 5.41
N GLY A 52 4.29 9.93 4.16
CA GLY A 52 2.90 9.65 3.86
C GLY A 52 2.67 8.19 3.49
N TRP A 53 3.71 7.53 3.00
CA TRP A 53 3.61 6.14 2.60
C TRP A 53 4.33 5.23 3.60
N SER A 54 3.55 4.42 4.31
CA SER A 54 4.11 3.52 5.31
C SER A 54 3.59 2.10 5.10
N CYS A 55 4.41 1.11 5.47
CA CYS A 55 4.03 -0.29 5.33
C CYS A 55 4.67 -1.14 6.42
N HIS A 56 4.58 -2.46 6.27
CA HIS A 56 5.14 -3.38 7.24
C HIS A 56 6.67 -3.39 7.15
N TYR A 57 7.19 -3.73 5.99
CA TYR A 57 8.63 -3.79 5.78
C TYR A 57 9.17 -2.42 5.39
N CYS A 58 8.49 -1.37 5.84
CA CYS A 58 8.91 0.00 5.56
C CYS A 58 10.15 0.37 6.35
N ASP A 59 9.98 0.52 7.66
CA ASP A 59 11.10 0.87 8.54
C ASP A 59 10.74 0.61 9.99
N ASN A 60 9.62 1.17 10.44
CA ASN A 60 9.17 1.00 11.82
C ASN A 60 7.80 1.65 12.03
N GLU A 1 5.35 -0.71 -10.59
CA GLU A 1 4.67 -1.43 -9.53
C GLU A 1 3.20 -1.66 -9.91
N MET A 2 2.72 -2.88 -9.66
CA MET A 2 1.34 -3.23 -9.97
C MET A 2 0.81 -4.28 -8.99
N CYS A 3 -0.19 -3.89 -8.21
CA CYS A 3 -0.78 -4.79 -7.23
C CYS A 3 -0.78 -6.23 -7.74
N ASP A 4 -0.01 -7.09 -7.09
CA ASP A 4 0.08 -8.49 -7.47
C ASP A 4 -1.29 -9.17 -7.41
N VAL A 5 -2.26 -8.47 -6.81
CA VAL A 5 -3.61 -8.99 -6.67
C VAL A 5 -4.55 -8.37 -7.70
N CYS A 6 -4.07 -7.33 -8.39
CA CYS A 6 -4.86 -6.64 -9.39
C CYS A 6 -4.02 -6.32 -10.62
N GLU A 7 -2.95 -5.56 -10.40
CA GLU A 7 -2.05 -5.17 -11.48
C GLU A 7 -2.59 -3.94 -12.23
N VAL A 8 -2.49 -2.78 -11.59
CA VAL A 8 -2.98 -1.54 -12.19
C VAL A 8 -2.44 -0.32 -11.43
N TRP A 9 -1.35 0.25 -11.92
CA TRP A 9 -0.75 1.42 -11.29
C TRP A 9 -1.59 2.67 -11.54
N THR A 10 -1.28 3.74 -10.81
CA THR A 10 -2.02 4.99 -10.95
C THR A 10 -1.10 6.18 -10.74
N ALA A 11 -1.03 6.66 -9.50
CA ALA A 11 -0.18 7.80 -9.17
C ALA A 11 -0.57 8.39 -7.81
N GLU A 12 -1.83 8.21 -7.42
CA GLU A 12 -2.31 8.72 -6.14
C GLU A 12 -1.49 8.15 -4.99
N SER A 13 -1.84 6.94 -4.56
CA SER A 13 -1.15 6.28 -3.46
C SER A 13 -1.35 4.77 -3.52
N LEU A 14 -0.34 4.07 -4.02
CA LEU A 14 -0.40 2.61 -4.13
C LEU A 14 0.18 1.95 -2.89
N PHE A 15 -0.06 0.65 -2.74
CA PHE A 15 0.44 -0.11 -1.60
C PHE A 15 1.47 -1.14 -2.03
N PRO A 16 2.37 -1.50 -1.12
CA PRO A 16 2.39 -0.93 0.24
C PRO A 16 2.81 0.53 0.26
N CYS A 17 3.93 0.83 -0.39
CA CYS A 17 4.43 2.19 -0.46
C CYS A 17 5.37 2.37 -1.65
N ARG A 18 6.19 3.41 -1.60
CA ARG A 18 7.13 3.70 -2.68
C ARG A 18 8.55 3.28 -2.30
N VAL A 19 8.78 3.15 -1.00
CA VAL A 19 10.10 2.75 -0.49
C VAL A 19 10.19 1.25 -0.33
N CYS A 20 9.09 0.56 -0.61
CA CYS A 20 9.04 -0.90 -0.50
C CYS A 20 9.09 -1.55 -1.88
N THR A 21 9.22 -2.88 -1.90
CA THR A 21 9.28 -3.62 -3.15
C THR A 21 7.91 -4.16 -3.54
N ARG A 22 7.62 -5.39 -3.12
CA ARG A 22 6.33 -6.01 -3.43
C ARG A 22 5.20 -4.98 -3.39
N VAL A 23 4.12 -5.27 -4.10
CA VAL A 23 2.97 -4.38 -4.16
C VAL A 23 1.69 -5.11 -3.80
N PHE A 24 0.96 -4.58 -2.83
CA PHE A 24 -0.30 -5.19 -2.39
C PHE A 24 -1.28 -4.13 -1.90
N HIS A 25 -2.39 -3.98 -2.60
CA HIS A 25 -3.40 -2.99 -2.24
C HIS A 25 -3.73 -3.09 -0.76
N ASP A 26 -4.59 -2.18 -0.28
CA ASP A 26 -4.97 -2.16 1.12
C ASP A 26 -6.17 -3.07 1.36
N GLY A 27 -7.02 -3.21 0.34
CA GLY A 27 -8.19 -4.05 0.47
C GLY A 27 -7.92 -5.48 0.05
N CYS A 28 -6.93 -5.67 -0.82
CA CYS A 28 -6.58 -6.99 -1.31
C CYS A 28 -5.88 -7.80 -0.23
N LEU A 29 -5.10 -7.11 0.60
CA LEU A 29 -4.36 -7.77 1.68
C LEU A 29 -5.33 -8.25 2.77
N ARG A 30 -6.46 -7.57 2.90
CA ARG A 30 -7.46 -7.93 3.90
C ARG A 30 -8.44 -8.96 3.34
N ARG A 31 -8.54 -9.01 2.02
CA ARG A 31 -9.44 -9.95 1.36
C ARG A 31 -8.82 -11.33 1.26
N MET A 32 -7.53 -11.37 0.95
CA MET A 32 -6.82 -12.64 0.83
C MET A 32 -6.29 -13.09 2.18
N GLY A 33 -6.84 -12.53 3.26
CA GLY A 33 -6.41 -12.90 4.59
C GLY A 33 -4.91 -12.79 4.76
N TYR A 34 -4.29 -11.90 4.00
CA TYR A 34 -2.84 -11.71 4.06
C TYR A 34 -2.44 -11.07 5.39
N ILE A 35 -3.38 -10.34 5.99
CA ILE A 35 -3.13 -9.68 7.27
C ILE A 35 -4.41 -9.47 8.06
N GLN A 36 -4.28 -9.04 9.31
CA GLN A 36 -5.44 -8.80 10.15
C GLN A 36 -6.13 -7.50 9.79
N GLY A 37 -5.56 -6.39 10.25
CA GLY A 37 -6.14 -5.08 9.96
C GLY A 37 -5.16 -4.17 9.24
N ASP A 38 -5.57 -2.92 9.02
CA ASP A 38 -4.73 -1.95 8.35
C ASP A 38 -4.99 -0.54 8.88
N SER A 39 -4.48 0.45 8.16
CA SER A 39 -4.65 1.85 8.55
C SER A 39 -5.14 2.70 7.38
N ALA A 40 -5.69 3.87 7.69
CA ALA A 40 -6.19 4.77 6.66
C ALA A 40 -5.05 5.34 5.83
N ALA A 41 -5.31 6.47 5.17
CA ALA A 41 -4.29 7.11 4.34
C ALA A 41 -4.34 8.63 4.50
N GLU A 42 -5.00 9.29 3.56
CA GLU A 42 -5.12 10.75 3.59
C GLU A 42 -3.84 11.39 4.10
N VAL A 43 -2.91 11.66 3.18
CA VAL A 43 -1.64 12.28 3.54
C VAL A 43 -0.96 12.89 2.33
N THR A 44 -0.98 12.16 1.22
CA THR A 44 -0.36 12.63 -0.02
C THR A 44 -0.72 11.73 -1.19
N GLU A 45 -0.89 12.32 -2.37
CA GLU A 45 -1.22 11.57 -3.57
C GLU A 45 -0.06 11.55 -4.55
N MET A 46 1.05 12.17 -4.15
CA MET A 46 2.24 12.22 -5.00
C MET A 46 2.65 10.81 -5.44
N ALA A 47 3.24 10.05 -4.52
CA ALA A 47 3.68 8.70 -4.82
C ALA A 47 4.98 8.71 -5.62
N HIS A 48 5.41 9.90 -6.03
CA HIS A 48 6.64 10.04 -6.80
C HIS A 48 7.71 10.77 -5.98
N THR A 49 7.32 11.91 -5.39
CA THR A 49 8.25 12.69 -4.59
C THR A 49 8.98 11.82 -3.58
N GLU A 50 9.95 12.42 -2.88
CA GLU A 50 10.72 11.69 -1.88
C GLU A 50 10.06 11.79 -0.51
N THR A 51 8.76 11.49 -0.47
CA THR A 51 8.01 11.54 0.79
C THR A 51 8.04 10.19 1.50
N GLY A 52 7.82 9.12 0.74
CA GLY A 52 7.82 7.78 1.32
C GLY A 52 6.54 7.48 2.07
N TRP A 53 5.69 6.65 1.48
CA TRP A 53 4.43 6.27 2.09
C TRP A 53 4.63 5.19 3.15
N SER A 54 3.83 5.22 4.20
CA SER A 54 3.92 4.23 5.27
C SER A 54 3.21 2.94 4.89
N CYS A 55 3.73 1.82 5.38
CA CYS A 55 3.15 0.52 5.08
C CYS A 55 3.47 -0.48 6.20
N HIS A 56 3.26 -1.76 5.91
CA HIS A 56 3.53 -2.81 6.89
C HIS A 56 5.03 -3.04 7.06
N TYR A 57 5.73 -3.14 5.95
CA TYR A 57 7.18 -3.35 5.97
C TYR A 57 7.93 -2.05 5.69
N CYS A 58 7.67 -1.04 6.52
CA CYS A 58 8.32 0.26 6.35
C CYS A 58 9.41 0.44 7.41
N ASP A 59 8.99 0.61 8.66
CA ASP A 59 9.93 0.80 9.76
C ASP A 59 9.53 -0.04 10.97
N ASN A 60 8.69 0.54 11.83
CA ASN A 60 8.23 -0.14 13.03
C ASN A 60 7.11 0.64 13.71
N GLU A 1 4.99 -1.22 -11.23
CA GLU A 1 4.34 -1.49 -9.96
C GLU A 1 2.86 -1.78 -10.16
N MET A 2 2.50 -3.05 -10.08
CA MET A 2 1.11 -3.47 -10.25
C MET A 2 0.72 -4.50 -9.20
N CYS A 3 -0.32 -4.19 -8.44
CA CYS A 3 -0.80 -5.10 -7.40
C CYS A 3 -0.75 -6.54 -7.86
N ASP A 4 -0.01 -7.37 -7.12
CA ASP A 4 0.13 -8.78 -7.46
C ASP A 4 -1.21 -9.51 -7.31
N VAL A 5 -2.21 -8.79 -6.82
CA VAL A 5 -3.54 -9.36 -6.62
C VAL A 5 -4.55 -8.76 -7.58
N CYS A 6 -4.11 -7.77 -8.35
CA CYS A 6 -4.98 -7.10 -9.31
C CYS A 6 -4.21 -6.74 -10.58
N GLU A 7 -3.07 -6.07 -10.41
CA GLU A 7 -2.25 -5.67 -11.55
C GLU A 7 -2.82 -4.42 -12.21
N VAL A 8 -2.73 -3.29 -11.52
CA VAL A 8 -3.25 -2.03 -12.04
C VAL A 8 -2.59 -0.84 -11.35
N TRP A 9 -2.07 0.09 -12.14
CA TRP A 9 -1.42 1.28 -11.59
C TRP A 9 -1.83 2.52 -12.38
N THR A 10 -1.61 3.70 -11.77
CA THR A 10 -1.95 4.96 -12.41
C THR A 10 -1.07 6.09 -11.89
N ALA A 11 -1.23 6.42 -10.61
CA ALA A 11 -0.45 7.48 -9.99
C ALA A 11 -1.09 7.95 -8.69
N GLU A 12 -2.41 7.79 -8.60
CA GLU A 12 -3.15 8.20 -7.40
C GLU A 12 -2.32 7.97 -6.15
N SER A 13 -2.38 6.74 -5.63
CA SER A 13 -1.63 6.39 -4.42
C SER A 13 -1.63 4.87 -4.21
N LEU A 14 -0.67 4.20 -4.84
CA LEU A 14 -0.57 2.75 -4.73
C LEU A 14 0.40 2.37 -3.61
N PHE A 15 0.14 1.22 -2.97
CA PHE A 15 0.99 0.74 -1.89
C PHE A 15 1.91 -0.37 -2.37
N PRO A 16 3.07 -0.51 -1.70
CA PRO A 16 3.43 0.34 -0.56
C PRO A 16 3.75 1.77 -0.98
N CYS A 17 4.15 2.59 -0.02
CA CYS A 17 4.48 3.98 -0.29
C CYS A 17 5.25 4.11 -1.59
N ARG A 18 6.30 3.30 -1.74
CA ARG A 18 7.13 3.32 -2.94
C ARG A 18 8.48 2.66 -2.68
N VAL A 19 9.19 3.16 -1.67
CA VAL A 19 10.49 2.62 -1.31
C VAL A 19 10.42 1.11 -1.06
N CYS A 20 9.43 0.70 -0.28
CA CYS A 20 9.24 -0.71 0.04
C CYS A 20 9.18 -1.55 -1.23
N THR A 21 9.37 -2.86 -1.08
CA THR A 21 9.34 -3.78 -2.21
C THR A 21 7.94 -4.33 -2.44
N ARG A 22 7.72 -4.93 -3.61
CA ARG A 22 6.42 -5.49 -3.95
C ARG A 22 5.32 -4.44 -3.82
N VAL A 23 4.19 -4.71 -4.46
CA VAL A 23 3.05 -3.79 -4.42
C VAL A 23 1.75 -4.54 -4.16
N PHE A 24 0.99 -4.08 -3.17
CA PHE A 24 -0.28 -4.71 -2.82
C PHE A 24 -1.27 -3.66 -2.32
N HIS A 25 -2.51 -3.77 -2.79
CA HIS A 25 -3.56 -2.84 -2.38
C HIS A 25 -3.84 -2.94 -0.88
N ASP A 26 -4.78 -2.15 -0.41
CA ASP A 26 -5.14 -2.15 1.01
C ASP A 26 -6.32 -3.07 1.26
N GLY A 27 -7.17 -3.23 0.26
CA GLY A 27 -8.34 -4.08 0.40
C GLY A 27 -8.06 -5.52 -0.04
N CYS A 28 -6.97 -5.72 -0.75
CA CYS A 28 -6.59 -7.05 -1.23
C CYS A 28 -5.96 -7.86 -0.10
N LEU A 29 -4.85 -7.36 0.44
CA LEU A 29 -4.15 -8.04 1.52
C LEU A 29 -5.11 -8.43 2.63
N ARG A 30 -6.07 -7.55 2.92
CA ARG A 30 -7.06 -7.81 3.96
C ARG A 30 -8.06 -8.86 3.52
N ARG A 31 -8.61 -8.68 2.32
CA ARG A 31 -9.59 -9.62 1.78
C ARG A 31 -8.93 -10.95 1.44
N MET A 32 -7.61 -10.97 1.46
CA MET A 32 -6.86 -12.19 1.16
C MET A 32 -6.29 -12.81 2.44
N GLY A 33 -6.78 -12.34 3.58
CA GLY A 33 -6.30 -12.86 4.85
C GLY A 33 -4.80 -12.96 4.91
N TYR A 34 -4.11 -12.15 4.10
CA TYR A 34 -2.67 -12.16 4.06
C TYR A 34 -2.08 -11.54 5.33
N ILE A 35 -2.68 -10.44 5.78
CA ILE A 35 -2.23 -9.76 6.98
C ILE A 35 -3.13 -10.08 8.17
N GLN A 36 -2.76 -9.55 9.33
CA GLN A 36 -3.55 -9.77 10.54
C GLN A 36 -4.78 -8.87 10.58
N GLY A 37 -5.28 -8.59 11.78
CA GLY A 37 -6.44 -7.74 11.92
C GLY A 37 -6.18 -6.55 12.80
N ASP A 38 -5.51 -5.54 12.25
CA ASP A 38 -5.20 -4.32 12.99
C ASP A 38 -4.54 -3.28 12.09
N SER A 39 -5.34 -2.65 11.24
CA SER A 39 -4.83 -1.64 10.32
C SER A 39 -5.93 -0.65 9.94
N ALA A 40 -5.52 0.53 9.49
CA ALA A 40 -6.47 1.57 9.09
C ALA A 40 -5.76 2.72 8.39
N ALA A 41 -6.38 3.24 7.34
CA ALA A 41 -5.81 4.35 6.59
C ALA A 41 -6.89 5.10 5.80
N GLU A 42 -7.02 4.77 4.52
CA GLU A 42 -8.00 5.41 3.66
C GLU A 42 -7.84 6.92 3.68
N VAL A 43 -6.60 7.38 3.82
CA VAL A 43 -6.30 8.80 3.84
C VAL A 43 -5.93 9.32 2.46
N THR A 44 -5.50 8.41 1.60
CA THR A 44 -5.10 8.77 0.24
C THR A 44 -3.90 9.70 0.25
N GLU A 45 -2.71 9.12 0.12
CA GLU A 45 -1.47 9.90 0.11
C GLU A 45 -1.14 10.37 -1.31
N MET A 46 -0.34 9.57 -2.01
CA MET A 46 0.06 9.91 -3.38
C MET A 46 0.91 8.79 -3.98
N ALA A 47 1.66 8.10 -3.14
CA ALA A 47 2.51 7.01 -3.59
C ALA A 47 3.63 7.51 -4.49
N HIS A 48 4.50 6.61 -4.93
CA HIS A 48 5.61 6.96 -5.80
C HIS A 48 6.43 8.10 -5.19
N THR A 49 6.09 9.33 -5.56
CA THR A 49 6.79 10.50 -5.06
C THR A 49 6.42 10.79 -3.61
N GLU A 50 7.38 11.30 -2.84
CA GLU A 50 7.13 11.62 -1.44
C GLU A 50 6.80 10.37 -0.64
N THR A 51 6.89 10.47 0.67
CA THR A 51 6.59 9.35 1.55
C THR A 51 5.64 9.74 2.67
N GLY A 52 5.06 8.76 3.35
CA GLY A 52 4.14 9.03 4.43
C GLY A 52 3.21 7.87 4.70
N TRP A 53 2.94 7.07 3.68
CA TRP A 53 2.05 5.92 3.82
C TRP A 53 2.75 4.78 4.56
N SER A 54 2.11 4.26 5.59
CA SER A 54 2.66 3.17 6.38
C SER A 54 2.46 1.83 5.67
N CYS A 55 3.38 0.90 5.89
CA CYS A 55 3.30 -0.43 5.28
C CYS A 55 3.87 -1.49 6.21
N HIS A 56 3.68 -2.74 5.85
CA HIS A 56 4.18 -3.86 6.65
C HIS A 56 5.69 -3.74 6.87
N TYR A 57 6.43 -3.65 5.78
CA TYR A 57 7.89 -3.54 5.85
C TYR A 57 8.32 -2.07 5.82
N CYS A 58 7.44 -1.18 6.28
CA CYS A 58 7.72 0.24 6.31
C CYS A 58 8.31 0.65 7.67
N ASP A 59 7.64 0.23 8.73
CA ASP A 59 8.09 0.55 10.08
C ASP A 59 7.87 -0.64 11.03
N ASN A 60 8.81 -0.84 11.94
CA ASN A 60 8.73 -1.94 12.89
C ASN A 60 7.50 -1.78 13.80
N GLU A 1 4.66 -0.97 -10.63
CA GLU A 1 3.97 -1.15 -9.37
C GLU A 1 2.55 -1.68 -9.58
N MET A 2 2.46 -2.90 -10.11
CA MET A 2 1.17 -3.52 -10.38
C MET A 2 0.83 -4.54 -9.29
N CYS A 3 -0.16 -4.22 -8.47
CA CYS A 3 -0.58 -5.11 -7.39
C CYS A 3 -0.46 -6.57 -7.82
N ASP A 4 0.37 -7.32 -7.12
CA ASP A 4 0.58 -8.73 -7.41
C ASP A 4 -0.73 -9.51 -7.25
N VAL A 5 -1.75 -8.85 -6.71
CA VAL A 5 -3.04 -9.48 -6.51
C VAL A 5 -4.06 -9.01 -7.54
N CYS A 6 -3.73 -7.91 -8.22
CA CYS A 6 -4.60 -7.35 -9.23
C CYS A 6 -3.83 -7.03 -10.51
N GLU A 7 -2.79 -6.22 -10.38
CA GLU A 7 -1.97 -5.85 -11.52
C GLU A 7 -2.60 -4.69 -12.30
N VAL A 8 -2.67 -3.53 -11.65
CA VAL A 8 -3.25 -2.35 -12.27
C VAL A 8 -3.08 -1.12 -11.38
N TRP A 9 -2.05 -0.33 -11.68
CA TRP A 9 -1.77 0.88 -10.91
C TRP A 9 -2.82 1.95 -11.17
N THR A 10 -3.18 2.69 -10.14
CA THR A 10 -4.17 3.76 -10.25
C THR A 10 -3.52 5.13 -10.17
N ALA A 11 -3.29 5.59 -8.95
CA ALA A 11 -2.67 6.90 -8.72
C ALA A 11 -2.89 7.37 -7.29
N GLU A 12 -4.09 7.15 -6.78
CA GLU A 12 -4.41 7.56 -5.41
C GLU A 12 -3.25 7.27 -4.47
N SER A 13 -3.18 6.03 -3.99
CA SER A 13 -2.12 5.63 -3.08
C SER A 13 -1.91 4.12 -3.11
N LEU A 14 -1.12 3.67 -4.06
CA LEU A 14 -0.83 2.23 -4.21
C LEU A 14 0.04 1.73 -3.06
N PHE A 15 -0.42 0.68 -2.40
CA PHE A 15 0.30 0.10 -1.28
C PHE A 15 1.35 -0.90 -1.77
N PRO A 16 2.41 -1.08 -0.97
CA PRO A 16 2.58 -0.37 0.30
C PRO A 16 2.86 1.11 0.10
N CYS A 17 3.84 1.42 -0.75
CA CYS A 17 4.20 2.80 -1.02
C CYS A 17 5.20 2.88 -2.18
N ARG A 18 6.05 3.90 -2.15
CA ARG A 18 7.05 4.09 -3.19
C ARG A 18 8.38 3.45 -2.80
N VAL A 19 8.80 3.68 -1.56
CA VAL A 19 10.05 3.12 -1.06
C VAL A 19 10.03 1.60 -1.11
N CYS A 20 9.63 0.98 0.00
CA CYS A 20 9.57 -0.47 0.09
C CYS A 20 9.01 -1.06 -1.20
N THR A 21 9.81 -1.91 -1.85
CA THR A 21 9.40 -2.55 -3.09
C THR A 21 8.08 -3.29 -2.92
N ARG A 22 7.71 -4.08 -3.93
CA ARG A 22 6.48 -4.85 -3.89
C ARG A 22 5.27 -3.93 -3.92
N VAL A 23 4.11 -4.51 -4.23
CA VAL A 23 2.87 -3.74 -4.31
C VAL A 23 1.66 -4.60 -3.93
N PHE A 24 0.90 -4.13 -2.96
CA PHE A 24 -0.29 -4.86 -2.50
C PHE A 24 -1.35 -3.90 -2.00
N HIS A 25 -2.46 -3.81 -2.74
CA HIS A 25 -3.56 -2.92 -2.35
C HIS A 25 -3.91 -3.10 -0.88
N ASP A 26 -4.00 -1.98 -0.16
CA ASP A 26 -4.33 -2.00 1.26
C ASP A 26 -5.58 -2.84 1.51
N GLY A 27 -6.45 -2.92 0.50
CA GLY A 27 -7.67 -3.68 0.64
C GLY A 27 -7.48 -5.15 0.29
N CYS A 28 -6.71 -5.41 -0.75
CA CYS A 28 -6.45 -6.78 -1.19
C CYS A 28 -5.91 -7.62 -0.04
N LEU A 29 -4.76 -7.21 0.50
CA LEU A 29 -4.14 -7.93 1.60
C LEU A 29 -5.18 -8.35 2.64
N ARG A 30 -6.20 -7.51 2.82
CA ARG A 30 -7.27 -7.80 3.77
C ARG A 30 -8.41 -8.54 3.10
N ARG A 31 -8.54 -8.37 1.79
CA ARG A 31 -9.59 -9.03 1.04
C ARG A 31 -9.23 -10.47 0.72
N MET A 32 -7.97 -10.83 0.97
CA MET A 32 -7.49 -12.18 0.72
C MET A 32 -7.16 -12.89 2.03
N GLY A 33 -7.06 -12.12 3.11
CA GLY A 33 -6.76 -12.70 4.41
C GLY A 33 -5.26 -12.74 4.68
N TYR A 34 -4.50 -11.98 3.90
CA TYR A 34 -3.05 -11.93 4.06
C TYR A 34 -2.67 -11.14 5.30
N ILE A 35 -3.58 -10.30 5.76
CA ILE A 35 -3.35 -9.48 6.95
C ILE A 35 -4.65 -9.08 7.63
N GLN A 36 -4.59 -8.87 8.94
CA GLN A 36 -5.77 -8.49 9.70
C GLN A 36 -5.64 -7.07 10.24
N GLY A 37 -6.19 -6.10 9.50
CA GLY A 37 -6.12 -4.72 9.92
C GLY A 37 -5.72 -3.79 8.79
N ASP A 38 -5.59 -2.51 9.09
CA ASP A 38 -5.22 -1.52 8.10
C ASP A 38 -4.58 -0.29 8.76
N SER A 39 -4.17 0.67 7.93
CA SER A 39 -3.54 1.88 8.44
C SER A 39 -4.02 3.11 7.65
N ALA A 40 -4.30 4.19 8.37
CA ALA A 40 -4.77 5.42 7.75
C ALA A 40 -3.90 6.60 8.14
N ALA A 41 -3.38 7.32 7.15
CA ALA A 41 -2.53 8.48 7.41
C ALA A 41 -2.36 9.31 6.14
N GLU A 42 -3.02 10.47 6.11
CA GLU A 42 -2.94 11.37 4.96
C GLU A 42 -2.29 12.69 5.35
N VAL A 43 -1.46 12.65 6.40
CA VAL A 43 -0.77 13.85 6.86
C VAL A 43 -0.14 14.61 5.71
N THR A 44 0.69 13.91 4.94
CA THR A 44 1.38 14.51 3.80
C THR A 44 1.79 13.45 2.78
N GLU A 45 2.50 13.88 1.75
CA GLU A 45 2.96 12.97 0.71
C GLU A 45 1.78 12.36 -0.05
N MET A 46 2.08 11.45 -0.97
CA MET A 46 1.04 10.78 -1.75
C MET A 46 1.45 9.35 -2.08
N ALA A 47 2.27 9.20 -3.12
CA ALA A 47 2.72 7.88 -3.54
C ALA A 47 4.13 7.96 -4.14
N HIS A 48 4.32 8.89 -5.06
CA HIS A 48 5.61 9.07 -5.71
C HIS A 48 6.46 10.09 -4.97
N THR A 49 6.40 10.05 -3.65
CA THR A 49 7.16 10.97 -2.81
C THR A 49 8.17 10.23 -1.94
N GLU A 50 9.15 10.96 -1.41
CA GLU A 50 10.17 10.36 -0.55
C GLU A 50 9.53 9.59 0.60
N THR A 51 10.38 8.96 1.41
CA THR A 51 9.90 8.19 2.55
C THR A 51 8.90 8.99 3.39
N GLY A 52 7.87 8.31 3.87
CA GLY A 52 6.87 8.98 4.68
C GLY A 52 5.62 8.12 4.86
N TRP A 53 5.24 7.39 3.83
CA TRP A 53 4.06 6.53 3.88
C TRP A 53 4.37 5.25 4.63
N SER A 54 3.62 5.00 5.70
CA SER A 54 3.80 3.80 6.51
C SER A 54 3.16 2.59 5.84
N CYS A 55 3.78 1.42 6.03
CA CYS A 55 3.26 0.19 5.44
C CYS A 55 3.67 -1.02 6.28
N HIS A 56 3.08 -2.18 5.97
CA HIS A 56 3.39 -3.40 6.69
C HIS A 56 4.90 -3.66 6.73
N TYR A 57 5.47 -3.93 5.56
CA TYR A 57 6.90 -4.19 5.46
C TYR A 57 7.69 -2.88 5.37
N CYS A 58 7.08 -1.79 5.82
CA CYS A 58 7.72 -0.48 5.80
C CYS A 58 8.72 -0.35 6.94
N ASP A 59 8.20 -0.29 8.17
CA ASP A 59 9.05 -0.15 9.35
C ASP A 59 9.38 -1.52 9.93
N ASN A 60 10.55 -2.04 9.60
CA ASN A 60 10.99 -3.35 10.10
C ASN A 60 11.38 -3.27 11.57
N GLU A 1 4.80 -0.81 -10.70
CA GLU A 1 4.30 -1.21 -9.39
C GLU A 1 2.79 -1.44 -9.44
N MET A 2 2.39 -2.64 -9.83
CA MET A 2 0.98 -3.00 -9.92
C MET A 2 0.62 -4.09 -8.92
N CYS A 3 -0.43 -3.86 -8.14
CA CYS A 3 -0.87 -4.83 -7.15
C CYS A 3 -0.64 -6.26 -7.63
N ASP A 4 0.10 -7.03 -6.85
CA ASP A 4 0.39 -8.42 -7.20
C ASP A 4 -0.88 -9.28 -7.13
N VAL A 5 -1.98 -8.65 -6.72
CA VAL A 5 -3.25 -9.36 -6.60
C VAL A 5 -4.28 -8.80 -7.60
N CYS A 6 -3.88 -7.78 -8.34
CA CYS A 6 -4.76 -7.16 -9.32
C CYS A 6 -3.98 -6.72 -10.55
N GLU A 7 -2.86 -6.03 -10.32
CA GLU A 7 -2.02 -5.55 -11.41
C GLU A 7 -2.55 -4.23 -11.95
N VAL A 8 -2.62 -3.22 -11.08
CA VAL A 8 -3.10 -1.90 -11.47
C VAL A 8 -2.51 -0.82 -10.58
N TRP A 9 -1.87 0.16 -11.21
CA TRP A 9 -1.26 1.27 -10.47
C TRP A 9 -2.04 2.56 -10.67
N THR A 10 -1.79 3.54 -9.81
CA THR A 10 -2.48 4.82 -9.89
C THR A 10 -1.77 5.89 -9.07
N ALA A 11 -1.48 7.01 -9.70
CA ALA A 11 -0.80 8.11 -9.02
C ALA A 11 -1.36 8.33 -7.62
N GLU A 12 -2.63 7.98 -7.43
CA GLU A 12 -3.27 8.14 -6.14
C GLU A 12 -2.30 7.87 -5.00
N SER A 13 -2.09 6.60 -4.69
CA SER A 13 -1.19 6.20 -3.62
C SER A 13 -1.23 4.69 -3.39
N LEU A 14 -0.70 3.95 -4.34
CA LEU A 14 -0.68 2.49 -4.24
C LEU A 14 0.41 2.02 -3.28
N PHE A 15 0.07 1.05 -2.44
CA PHE A 15 1.01 0.51 -1.47
C PHE A 15 1.92 -0.53 -2.12
N PRO A 16 3.13 -0.70 -1.57
CA PRO A 16 3.58 0.09 -0.41
C PRO A 16 3.82 1.55 -0.76
N CYS A 17 4.31 2.31 0.22
CA CYS A 17 4.59 3.72 0.01
C CYS A 17 5.00 4.00 -1.44
N ARG A 18 6.19 3.56 -1.80
CA ARG A 18 6.70 3.75 -3.15
C ARG A 18 7.81 2.75 -3.47
N VAL A 19 8.65 2.48 -2.48
CA VAL A 19 9.76 1.54 -2.65
C VAL A 19 10.01 0.75 -1.37
N CYS A 20 9.42 -0.45 -1.29
CA CYS A 20 9.58 -1.30 -0.13
C CYS A 20 9.52 -2.77 -0.52
N THR A 21 9.63 -3.03 -1.82
CA THR A 21 9.58 -4.40 -2.33
C THR A 21 8.16 -4.94 -2.33
N ARG A 22 7.66 -5.29 -3.51
CA ARG A 22 6.31 -5.81 -3.65
C ARG A 22 5.28 -4.70 -3.64
N VAL A 23 4.17 -4.91 -4.35
CA VAL A 23 3.11 -3.91 -4.43
C VAL A 23 1.74 -4.55 -4.23
N PHE A 24 0.97 -4.00 -3.30
CA PHE A 24 -0.36 -4.52 -3.01
C PHE A 24 -1.31 -3.40 -2.64
N HIS A 25 -2.60 -3.71 -2.57
CA HIS A 25 -3.62 -2.72 -2.23
C HIS A 25 -3.95 -2.78 -0.74
N ASP A 26 -4.96 -2.02 -0.33
CA ASP A 26 -5.38 -1.99 1.07
C ASP A 26 -6.51 -2.98 1.31
N GLY A 27 -7.26 -3.30 0.25
CA GLY A 27 -8.36 -4.23 0.38
C GLY A 27 -7.94 -5.66 0.08
N CYS A 28 -7.12 -5.84 -0.93
CA CYS A 28 -6.65 -7.16 -1.32
C CYS A 28 -5.86 -7.81 -0.18
N LEU A 29 -4.90 -7.07 0.37
CA LEU A 29 -4.08 -7.57 1.46
C LEU A 29 -4.95 -8.11 2.59
N ARG A 30 -6.19 -7.62 2.66
CA ARG A 30 -7.11 -8.06 3.70
C ARG A 30 -7.98 -9.21 3.20
N ARG A 31 -8.30 -9.19 1.92
CA ARG A 31 -9.13 -10.23 1.32
C ARG A 31 -8.39 -11.58 1.32
N MET A 32 -7.09 -11.53 1.10
CA MET A 32 -6.27 -12.75 1.08
C MET A 32 -5.70 -13.03 2.45
N GLY A 33 -6.19 -12.31 3.47
CA GLY A 33 -5.70 -12.51 4.82
C GLY A 33 -4.20 -12.30 4.93
N TYR A 34 -3.69 -11.31 4.21
CA TYR A 34 -2.25 -11.02 4.23
C TYR A 34 -1.90 -10.12 5.42
N ILE A 35 -2.81 -9.22 5.76
CA ILE A 35 -2.59 -8.30 6.87
C ILE A 35 -3.87 -8.09 7.67
N GLN A 36 -3.80 -7.20 8.66
CA GLN A 36 -4.96 -6.91 9.49
C GLN A 36 -5.87 -5.88 8.83
N GLY A 37 -5.28 -4.76 8.42
CA GLY A 37 -6.06 -3.72 7.77
C GLY A 37 -6.71 -2.78 8.76
N ASP A 38 -7.06 -1.58 8.31
CA ASP A 38 -7.69 -0.58 9.16
C ASP A 38 -6.74 -0.12 10.27
N SER A 39 -6.35 1.14 10.21
CA SER A 39 -5.43 1.71 11.20
C SER A 39 -5.38 3.22 11.08
N ALA A 40 -6.46 3.81 10.59
CA ALA A 40 -6.54 5.26 10.44
C ALA A 40 -5.45 5.76 9.48
N ALA A 41 -5.83 6.70 8.62
CA ALA A 41 -4.90 7.27 7.65
C ALA A 41 -5.62 8.14 6.63
N GLU A 42 -5.91 7.57 5.46
CA GLU A 42 -6.60 8.30 4.40
C GLU A 42 -5.96 9.67 4.17
N VAL A 43 -4.64 9.72 4.29
CA VAL A 43 -3.89 10.96 4.10
C VAL A 43 -2.76 10.77 3.10
N THR A 44 -3.09 10.90 1.81
CA THR A 44 -2.09 10.75 0.76
C THR A 44 -2.71 10.97 -0.61
N GLU A 45 -1.99 11.67 -1.48
CA GLU A 45 -2.47 11.94 -2.83
C GLU A 45 -1.41 11.60 -3.87
N MET A 46 -0.24 11.17 -3.40
CA MET A 46 0.86 10.81 -4.29
C MET A 46 1.33 9.38 -4.01
N ALA A 47 2.34 9.24 -3.17
CA ALA A 47 2.88 7.93 -2.84
C ALA A 47 4.27 8.05 -2.21
N HIS A 48 4.33 8.62 -1.01
CA HIS A 48 5.60 8.79 -0.31
C HIS A 48 6.32 10.05 -0.79
N THR A 49 5.63 11.18 -0.71
CA THR A 49 6.19 12.45 -1.14
C THR A 49 5.57 13.62 -0.38
N GLU A 50 6.37 14.27 0.46
CA GLU A 50 5.89 15.40 1.25
C GLU A 50 4.65 15.02 2.05
N THR A 51 4.48 13.72 2.29
CA THR A 51 3.32 13.23 3.04
C THR A 51 3.77 12.49 4.29
N GLY A 52 3.97 11.19 4.17
CA GLY A 52 4.40 10.39 5.30
C GLY A 52 3.51 9.17 5.52
N TRP A 53 3.47 8.30 4.51
CA TRP A 53 2.66 7.09 4.60
C TRP A 53 3.52 5.87 4.91
N SER A 54 3.19 5.16 5.98
CA SER A 54 3.94 3.98 6.39
C SER A 54 3.17 2.71 6.07
N CYS A 55 3.58 2.02 5.01
CA CYS A 55 2.93 0.79 4.58
C CYS A 55 3.15 -0.32 5.62
N HIS A 56 2.37 -1.39 5.50
CA HIS A 56 2.49 -2.52 6.42
C HIS A 56 3.94 -2.92 6.61
N TYR A 57 4.57 -3.38 5.53
CA TYR A 57 5.96 -3.79 5.58
C TYR A 57 6.89 -2.60 5.87
N CYS A 58 7.28 -1.90 4.80
CA CYS A 58 8.16 -0.75 4.94
C CYS A 58 9.53 -1.16 5.47
N ASP A 59 9.61 -1.44 6.76
CA ASP A 59 10.86 -1.84 7.39
C ASP A 59 10.68 -2.02 8.89
N ASN A 60 9.60 -2.68 9.29
CA ASN A 60 9.31 -2.92 10.70
C ASN A 60 8.09 -3.82 10.86
N GLU A 1 4.69 0.07 -10.00
CA GLU A 1 3.73 -0.12 -8.92
C GLU A 1 2.55 -0.98 -9.40
N MET A 2 2.72 -2.29 -9.33
CA MET A 2 1.67 -3.21 -9.74
C MET A 2 1.26 -4.13 -8.61
N CYS A 3 0.07 -3.90 -8.06
CA CYS A 3 -0.44 -4.71 -6.96
C CYS A 3 -0.09 -6.17 -7.15
N ASP A 4 0.31 -6.83 -6.07
CA ASP A 4 0.68 -8.25 -6.13
C ASP A 4 -0.57 -9.13 -6.27
N VAL A 5 -1.73 -8.48 -6.34
CA VAL A 5 -2.99 -9.20 -6.48
C VAL A 5 -3.78 -8.70 -7.69
N CYS A 6 -3.36 -7.57 -8.23
CA CYS A 6 -4.02 -6.99 -9.39
C CYS A 6 -3.01 -6.60 -10.46
N GLU A 7 -1.83 -6.14 -10.03
CA GLU A 7 -0.78 -5.74 -10.95
C GLU A 7 -1.27 -4.63 -11.88
N VAL A 8 -1.86 -3.60 -11.30
CA VAL A 8 -2.37 -2.46 -12.07
C VAL A 8 -2.32 -1.17 -11.26
N TRP A 9 -1.39 -0.30 -11.61
CA TRP A 9 -1.24 0.97 -10.92
C TRP A 9 -2.42 1.90 -11.21
N THR A 10 -2.70 2.81 -10.27
CA THR A 10 -3.80 3.74 -10.43
C THR A 10 -3.29 5.19 -10.49
N ALA A 11 -3.26 5.83 -9.33
CA ALA A 11 -2.79 7.22 -9.24
C ALA A 11 -3.25 7.87 -7.94
N GLU A 12 -4.53 7.70 -7.62
CA GLU A 12 -5.09 8.28 -6.41
C GLU A 12 -4.08 8.26 -5.27
N SER A 13 -3.54 7.06 -5.00
CA SER A 13 -2.56 6.89 -3.93
C SER A 13 -2.34 5.42 -3.62
N LEU A 14 -1.62 4.74 -4.50
CA LEU A 14 -1.34 3.32 -4.33
C LEU A 14 -0.34 3.10 -3.21
N PHE A 15 -0.71 2.29 -2.22
CA PHE A 15 0.16 1.99 -1.10
C PHE A 15 0.02 0.54 -0.66
N PRO A 16 1.08 -0.02 -0.06
CA PRO A 16 2.33 0.72 0.18
C PRO A 16 3.08 1.02 -1.12
N CYS A 17 4.27 1.60 -0.99
CA CYS A 17 5.09 1.93 -2.15
C CYS A 17 5.29 0.70 -3.04
N ARG A 18 6.15 0.84 -4.03
CA ARG A 18 6.42 -0.25 -4.96
C ARG A 18 7.84 -0.78 -4.76
N VAL A 19 8.55 -0.21 -3.80
CA VAL A 19 9.92 -0.63 -3.51
C VAL A 19 9.97 -1.57 -2.29
N CYS A 20 9.58 -1.04 -1.14
CA CYS A 20 9.58 -1.82 0.09
C CYS A 20 9.26 -3.28 -0.21
N THR A 21 8.38 -3.51 -1.18
CA THR A 21 7.99 -4.86 -1.55
C THR A 21 6.77 -4.84 -2.47
N ARG A 22 6.67 -3.81 -3.30
CA ARG A 22 5.56 -3.67 -4.22
C ARG A 22 4.35 -3.06 -3.53
N VAL A 23 3.24 -2.94 -4.27
CA VAL A 23 2.02 -2.37 -3.73
C VAL A 23 1.00 -3.45 -3.40
N PHE A 24 0.08 -3.15 -2.49
CA PHE A 24 -0.95 -4.10 -2.09
C PHE A 24 -2.22 -3.37 -1.66
N HIS A 25 -3.27 -3.52 -2.45
CA HIS A 25 -4.55 -2.88 -2.16
C HIS A 25 -5.07 -3.32 -0.79
N ASP A 26 -5.48 -2.35 0.03
CA ASP A 26 -6.00 -2.63 1.35
C ASP A 26 -7.14 -3.65 1.28
N GLY A 27 -7.83 -3.69 0.15
CA GLY A 27 -8.93 -4.61 -0.02
C GLY A 27 -8.47 -6.00 -0.43
N CYS A 28 -7.46 -6.06 -1.29
CA CYS A 28 -6.91 -7.33 -1.75
C CYS A 28 -6.45 -8.18 -0.59
N LEU A 29 -5.65 -7.58 0.29
CA LEU A 29 -5.13 -8.29 1.46
C LEU A 29 -6.26 -8.64 2.43
N ARG A 30 -7.34 -7.87 2.38
CA ARG A 30 -8.48 -8.11 3.25
C ARG A 30 -9.40 -9.18 2.66
N ARG A 31 -9.38 -9.30 1.34
CA ARG A 31 -10.21 -10.29 0.65
C ARG A 31 -9.49 -11.63 0.55
N MET A 32 -8.17 -11.58 0.41
CA MET A 32 -7.37 -12.79 0.30
C MET A 32 -7.07 -13.37 1.68
N GLY A 33 -7.68 -12.79 2.70
CA GLY A 33 -7.48 -13.27 4.06
C GLY A 33 -6.04 -13.10 4.52
N TYR A 34 -5.24 -12.42 3.71
CA TYR A 34 -3.83 -12.19 4.03
C TYR A 34 -3.70 -11.39 5.32
N ILE A 35 -4.77 -10.70 5.70
CA ILE A 35 -4.77 -9.90 6.91
C ILE A 35 -6.08 -10.06 7.68
N GLN A 36 -6.20 -9.33 8.78
CA GLN A 36 -7.41 -9.38 9.60
C GLN A 36 -7.48 -8.19 10.55
N GLY A 37 -8.20 -7.15 10.13
CA GLY A 37 -8.33 -5.96 10.95
C GLY A 37 -8.26 -4.68 10.14
N ASP A 38 -9.01 -3.68 10.57
CA ASP A 38 -9.04 -2.40 9.87
C ASP A 38 -8.02 -1.43 10.47
N SER A 39 -6.84 -1.36 9.86
CA SER A 39 -5.77 -0.49 10.34
C SER A 39 -6.18 0.98 10.19
N ALA A 40 -6.18 1.70 11.32
CA ALA A 40 -6.55 3.11 11.31
C ALA A 40 -5.31 4.00 11.14
N ALA A 41 -5.47 5.28 11.42
CA ALA A 41 -4.36 6.22 11.30
C ALA A 41 -4.17 6.65 9.85
N GLU A 42 -4.36 7.94 9.58
CA GLU A 42 -4.21 8.47 8.23
C GLU A 42 -3.72 9.91 8.27
N VAL A 43 -2.41 10.10 8.28
CA VAL A 43 -1.82 11.43 8.33
C VAL A 43 -1.59 11.97 6.91
N THR A 44 -0.95 11.17 6.08
CA THR A 44 -0.66 11.56 4.71
C THR A 44 -0.32 10.35 3.84
N GLU A 45 -0.88 10.31 2.64
CA GLU A 45 -0.63 9.20 1.71
C GLU A 45 0.30 9.63 0.60
N MET A 46 -0.27 10.09 -0.51
CA MET A 46 0.51 10.53 -1.65
C MET A 46 1.40 9.40 -2.17
N ALA A 47 0.88 8.64 -3.12
CA ALA A 47 1.62 7.52 -3.71
C ALA A 47 2.56 8.01 -4.81
N HIS A 48 3.19 9.16 -4.59
CA HIS A 48 4.11 9.73 -5.56
C HIS A 48 5.34 10.31 -4.87
N THR A 49 5.78 9.64 -3.81
CA THR A 49 6.95 10.10 -3.06
C THR A 49 7.88 8.94 -2.73
N GLU A 50 9.18 9.19 -2.80
CA GLU A 50 10.18 8.17 -2.50
C GLU A 50 9.94 7.55 -1.13
N THR A 51 10.25 8.31 -0.08
CA THR A 51 10.06 7.83 1.28
C THR A 51 9.11 8.73 2.05
N GLY A 52 7.87 8.28 2.22
CA GLY A 52 6.88 9.06 2.94
C GLY A 52 5.85 8.19 3.64
N TRP A 53 5.17 7.36 2.86
CA TRP A 53 4.15 6.46 3.42
C TRP A 53 4.79 5.30 4.16
N SER A 54 4.13 4.84 5.22
CA SER A 54 4.64 3.74 6.03
C SER A 54 4.18 2.40 5.45
N CYS A 55 5.00 1.37 5.65
CA CYS A 55 4.70 0.04 5.15
C CYS A 55 5.37 -1.03 6.01
N HIS A 56 4.76 -2.21 6.06
CA HIS A 56 5.30 -3.32 6.84
C HIS A 56 6.83 -3.35 6.75
N TYR A 57 7.35 -3.20 5.54
CA TYR A 57 8.78 -3.21 5.31
C TYR A 57 9.24 -1.94 4.62
N CYS A 58 8.84 -0.79 5.18
CA CYS A 58 9.21 0.50 4.63
C CYS A 58 10.44 1.06 5.32
N ASP A 59 10.40 1.09 6.65
CA ASP A 59 11.51 1.60 7.44
C ASP A 59 11.87 3.03 7.03
N ASN A 60 11.54 3.98 7.90
CA ASN A 60 11.81 5.38 7.63
C ASN A 60 13.10 5.83 8.34
N GLU A 1 5.89 -1.88 -9.85
CA GLU A 1 5.08 -1.97 -8.64
C GLU A 1 3.61 -2.21 -9.00
N MET A 2 3.26 -3.47 -9.22
CA MET A 2 1.89 -3.84 -9.57
C MET A 2 1.27 -4.73 -8.49
N CYS A 3 0.18 -4.27 -7.89
CA CYS A 3 -0.50 -5.02 -6.85
C CYS A 3 -0.42 -6.51 -7.12
N ASP A 4 0.20 -7.25 -6.20
CA ASP A 4 0.34 -8.70 -6.33
C ASP A 4 -1.03 -9.38 -6.35
N VAL A 5 -2.07 -8.60 -6.09
CA VAL A 5 -3.43 -9.13 -6.06
C VAL A 5 -4.23 -8.64 -7.27
N CYS A 6 -3.60 -7.80 -8.09
CA CYS A 6 -4.25 -7.26 -9.27
C CYS A 6 -3.25 -7.05 -10.40
N GLU A 7 -2.19 -6.30 -10.12
CA GLU A 7 -1.15 -6.02 -11.10
C GLU A 7 -1.56 -4.87 -12.02
N VAL A 8 -1.53 -3.67 -11.47
CA VAL A 8 -1.90 -2.48 -12.24
C VAL A 8 -1.70 -1.20 -11.41
N TRP A 9 -0.56 -0.55 -11.59
CA TRP A 9 -0.25 0.66 -10.86
C TRP A 9 -0.84 1.88 -11.56
N THR A 10 -0.85 3.02 -10.87
CA THR A 10 -1.40 4.25 -11.42
C THR A 10 -0.83 5.47 -10.70
N ALA A 11 -1.44 5.82 -9.58
CA ALA A 11 -1.00 6.96 -8.79
C ALA A 11 -2.08 7.41 -7.81
N GLU A 12 -3.33 7.04 -8.10
CA GLU A 12 -4.45 7.40 -7.24
C GLU A 12 -4.03 7.42 -5.78
N SER A 13 -3.67 6.25 -5.27
CA SER A 13 -3.25 6.13 -3.86
C SER A 13 -2.76 4.72 -3.57
N LEU A 14 -2.12 4.09 -4.56
CA LEU A 14 -1.61 2.74 -4.40
C LEU A 14 -0.65 2.66 -3.20
N PHE A 15 -0.96 1.77 -2.27
CA PHE A 15 -0.12 1.58 -1.09
C PHE A 15 0.14 0.10 -0.83
N PRO A 16 1.27 -0.19 -0.17
CA PRO A 16 2.20 0.85 0.28
C PRO A 16 2.94 1.52 -0.88
N CYS A 17 3.88 2.40 -0.54
CA CYS A 17 4.66 3.11 -1.55
C CYS A 17 5.16 2.15 -2.62
N ARG A 18 5.80 2.70 -3.64
CA ARG A 18 6.34 1.89 -4.74
C ARG A 18 7.60 1.15 -4.29
N VAL A 19 8.48 1.84 -3.57
CA VAL A 19 9.70 1.24 -3.08
C VAL A 19 9.42 0.03 -2.21
N CYS A 20 9.09 0.29 -0.94
CA CYS A 20 8.79 -0.79 0.00
C CYS A 20 8.12 -1.96 -0.71
N THR A 21 8.93 -2.93 -1.12
CA THR A 21 8.42 -4.11 -1.81
C THR A 21 7.32 -3.73 -2.80
N ARG A 22 6.42 -4.67 -3.05
CA ARG A 22 5.32 -4.44 -3.97
C ARG A 22 4.20 -3.67 -3.30
N VAL A 23 3.10 -3.47 -4.02
CA VAL A 23 1.94 -2.75 -3.49
C VAL A 23 0.82 -3.71 -3.11
N PHE A 24 0.00 -3.29 -2.15
CA PHE A 24 -1.12 -4.12 -1.70
C PHE A 24 -2.36 -3.26 -1.47
N HIS A 25 -3.38 -3.48 -2.30
CA HIS A 25 -4.63 -2.73 -2.19
C HIS A 25 -5.33 -3.03 -0.88
N ASP A 26 -5.58 -1.99 -0.09
CA ASP A 26 -6.25 -2.16 1.20
C ASP A 26 -7.32 -3.23 1.13
N GLY A 27 -8.11 -3.21 0.06
CA GLY A 27 -9.16 -4.20 -0.11
C GLY A 27 -8.61 -5.58 -0.40
N CYS A 28 -7.66 -5.66 -1.33
CA CYS A 28 -7.05 -6.93 -1.71
C CYS A 28 -6.44 -7.62 -0.49
N LEU A 29 -5.90 -6.82 0.43
CA LEU A 29 -5.27 -7.36 1.64
C LEU A 29 -6.28 -8.18 2.44
N ARG A 30 -7.55 -7.79 2.38
CA ARG A 30 -8.60 -8.49 3.10
C ARG A 30 -9.20 -9.61 2.25
N ARG A 31 -9.29 -9.36 0.95
CA ARG A 31 -9.84 -10.35 0.02
C ARG A 31 -9.20 -11.71 0.24
N MET A 32 -7.87 -11.74 0.27
CA MET A 32 -7.13 -12.98 0.46
C MET A 32 -6.71 -13.14 1.93
N GLY A 33 -7.12 -12.18 2.76
CA GLY A 33 -6.78 -12.23 4.17
C GLY A 33 -5.29 -12.08 4.41
N TYR A 34 -4.61 -11.39 3.51
CA TYR A 34 -3.17 -11.18 3.62
C TYR A 34 -2.79 -10.85 5.06
N ILE A 35 -3.29 -9.72 5.55
CA ILE A 35 -3.00 -9.28 6.90
C ILE A 35 -3.21 -10.42 7.90
N GLN A 36 -2.28 -10.55 8.84
CA GLN A 36 -2.36 -11.59 9.86
C GLN A 36 -2.47 -10.98 11.26
N GLY A 37 -1.36 -10.43 11.73
CA GLY A 37 -1.34 -9.82 13.05
C GLY A 37 -2.21 -8.57 13.13
N ASP A 38 -1.81 -7.63 13.98
CA ASP A 38 -2.55 -6.39 14.14
C ASP A 38 -1.61 -5.22 14.43
N SER A 39 -1.76 -4.15 13.67
CA SER A 39 -0.92 -2.96 13.83
C SER A 39 -1.77 -1.71 13.94
N ALA A 40 -1.12 -0.59 14.23
CA ALA A 40 -1.82 0.69 14.36
C ALA A 40 -1.29 1.71 13.35
N ALA A 41 -2.19 2.28 12.57
CA ALA A 41 -1.82 3.28 11.56
C ALA A 41 -2.99 4.19 11.24
N GLU A 42 -3.68 3.90 10.14
CA GLU A 42 -4.81 4.71 9.72
C GLU A 42 -4.58 6.18 10.02
N VAL A 43 -3.93 6.88 9.09
CA VAL A 43 -3.64 8.29 9.26
C VAL A 43 -4.07 9.09 8.03
N THR A 44 -3.83 8.53 6.85
CA THR A 44 -4.20 9.18 5.61
C THR A 44 -3.98 8.25 4.42
N GLU A 45 -2.83 7.60 4.37
CA GLU A 45 -2.50 6.68 3.29
C GLU A 45 -2.31 7.43 1.97
N MET A 46 -1.06 7.54 1.55
CA MET A 46 -0.73 8.24 0.31
C MET A 46 -0.03 7.30 -0.66
N ALA A 47 1.30 7.31 -0.65
CA ALA A 47 2.09 6.47 -1.53
C ALA A 47 3.54 6.96 -1.61
N HIS A 48 3.83 7.78 -2.61
CA HIS A 48 5.18 8.31 -2.80
C HIS A 48 5.59 9.14 -1.60
N THR A 49 6.54 10.06 -1.83
CA THR A 49 7.03 10.93 -0.76
C THR A 49 8.05 10.22 0.11
N GLU A 50 8.69 10.97 1.01
CA GLU A 50 9.69 10.41 1.89
C GLU A 50 9.04 9.60 3.02
N THR A 51 9.21 8.29 2.97
CA THR A 51 8.63 7.41 3.98
C THR A 51 7.21 7.80 4.30
N GLY A 52 7.04 8.65 5.32
CA GLY A 52 5.72 9.09 5.71
C GLY A 52 4.82 7.96 6.14
N TRP A 53 4.32 7.21 5.16
CA TRP A 53 3.43 6.07 5.44
C TRP A 53 4.25 4.82 5.73
N SER A 54 3.87 4.11 6.79
CA SER A 54 4.56 2.89 7.18
C SER A 54 4.14 1.72 6.30
N CYS A 55 5.05 0.77 6.10
CA CYS A 55 4.77 -0.40 5.29
C CYS A 55 5.64 -1.58 5.71
N HIS A 56 5.22 -2.79 5.35
CA HIS A 56 5.96 -4.00 5.69
C HIS A 56 7.46 -3.74 5.66
N TYR A 57 7.95 -3.22 4.55
CA TYR A 57 9.37 -2.93 4.39
C TYR A 57 9.59 -1.45 4.06
N CYS A 58 8.97 -0.58 4.84
CA CYS A 58 9.09 0.86 4.62
C CYS A 58 10.28 1.42 5.41
N ASP A 59 10.17 1.41 6.73
CA ASP A 59 11.24 1.92 7.59
C ASP A 59 10.99 1.54 9.04
N ASN A 60 11.04 0.24 9.32
CA ASN A 60 10.82 -0.26 10.68
C ASN A 60 12.05 -1.01 11.18
N GLU A 1 4.74 -0.91 -12.17
CA GLU A 1 4.23 -1.32 -10.86
C GLU A 1 2.72 -1.52 -10.92
N MET A 2 2.26 -2.72 -10.58
CA MET A 2 0.85 -3.04 -10.59
C MET A 2 0.51 -4.04 -9.49
N CYS A 3 -0.43 -3.68 -8.64
CA CYS A 3 -0.85 -4.55 -7.54
C CYS A 3 -0.79 -6.02 -7.95
N ASP A 4 0.02 -6.80 -7.24
CA ASP A 4 0.15 -8.22 -7.53
C ASP A 4 -1.14 -8.96 -7.25
N VAL A 5 -2.12 -8.25 -6.72
CA VAL A 5 -3.41 -8.85 -6.40
C VAL A 5 -4.52 -8.28 -7.29
N CYS A 6 -4.14 -7.38 -8.18
CA CYS A 6 -5.10 -6.75 -9.09
C CYS A 6 -4.44 -6.40 -10.41
N GLU A 7 -3.31 -5.71 -10.34
CA GLU A 7 -2.58 -5.30 -11.54
C GLU A 7 -3.16 -4.04 -12.13
N VAL A 8 -2.90 -2.91 -11.47
CA VAL A 8 -3.40 -1.61 -11.94
C VAL A 8 -2.67 -0.46 -11.24
N TRP A 9 -2.17 0.47 -12.04
CA TRP A 9 -1.45 1.62 -11.50
C TRP A 9 -1.78 2.89 -12.28
N THR A 10 -1.62 4.04 -11.64
CA THR A 10 -1.90 5.32 -12.27
C THR A 10 -0.98 6.42 -11.75
N ALA A 11 -1.32 6.95 -10.59
CA ALA A 11 -0.53 8.00 -9.97
C ALA A 11 -1.14 8.46 -8.64
N GLU A 12 -2.46 8.35 -8.54
CA GLU A 12 -3.17 8.75 -7.33
C GLU A 12 -2.37 8.36 -6.08
N SER A 13 -2.30 7.06 -5.81
CA SER A 13 -1.58 6.56 -4.65
C SER A 13 -1.72 5.04 -4.53
N LEU A 14 -0.65 4.32 -4.86
CA LEU A 14 -0.66 2.87 -4.79
C LEU A 14 -0.13 2.39 -3.43
N PHE A 15 -0.11 1.07 -3.25
CA PHE A 15 0.37 0.48 -2.00
C PHE A 15 1.14 -0.81 -2.28
N PRO A 16 2.06 -1.15 -1.37
CA PRO A 16 2.33 -0.34 -0.17
C PRO A 16 3.01 0.99 -0.51
N CYS A 17 4.09 0.91 -1.27
CA CYS A 17 4.82 2.11 -1.67
C CYS A 17 5.62 1.87 -2.95
N ARG A 18 6.67 1.05 -2.83
CA ARG A 18 7.53 0.73 -3.97
C ARG A 18 8.87 0.20 -3.52
N VAL A 19 9.40 0.78 -2.43
CA VAL A 19 10.69 0.36 -1.89
C VAL A 19 10.54 -0.91 -1.05
N CYS A 20 9.69 -0.85 -0.03
CA CYS A 20 9.45 -1.98 0.84
C CYS A 20 9.64 -3.30 0.09
N THR A 21 8.54 -3.80 -0.48
CA THR A 21 8.58 -5.04 -1.23
C THR A 21 7.62 -4.99 -2.43
N ARG A 22 7.09 -6.15 -2.79
CA ARG A 22 6.16 -6.23 -3.93
C ARG A 22 5.08 -5.16 -3.83
N VAL A 23 4.18 -5.14 -4.80
CA VAL A 23 3.09 -4.17 -4.82
C VAL A 23 1.77 -4.82 -4.42
N PHE A 24 1.12 -4.24 -3.41
CA PHE A 24 -0.15 -4.76 -2.93
C PHE A 24 -1.02 -3.63 -2.38
N HIS A 25 -2.31 -3.69 -2.69
CA HIS A 25 -3.25 -2.67 -2.22
C HIS A 25 -3.42 -2.74 -0.71
N ASP A 26 -4.11 -1.76 -0.15
CA ASP A 26 -4.35 -1.70 1.29
C ASP A 26 -5.44 -2.67 1.70
N GLY A 27 -6.40 -2.91 0.80
CA GLY A 27 -7.49 -3.82 1.10
C GLY A 27 -7.20 -5.23 0.65
N CYS A 28 -6.27 -5.37 -0.30
CA CYS A 28 -5.91 -6.69 -0.82
C CYS A 28 -5.13 -7.48 0.22
N LEU A 29 -4.20 -6.81 0.90
CA LEU A 29 -3.38 -7.46 1.91
C LEU A 29 -4.26 -8.19 2.94
N ARG A 30 -5.47 -7.68 3.13
CA ARG A 30 -6.40 -8.28 4.08
C ARG A 30 -7.34 -9.27 3.37
N ARG A 31 -7.74 -8.92 2.16
CA ARG A 31 -8.63 -9.77 1.37
C ARG A 31 -7.99 -11.13 1.12
N MET A 32 -6.77 -11.12 0.59
CA MET A 32 -6.06 -12.36 0.30
C MET A 32 -5.79 -13.15 1.57
N GLY A 33 -6.09 -12.53 2.71
CA GLY A 33 -5.87 -13.20 3.98
C GLY A 33 -4.45 -13.05 4.48
N TYR A 34 -3.61 -12.43 3.66
CA TYR A 34 -2.20 -12.23 4.03
C TYR A 34 -2.08 -11.72 5.46
N ILE A 35 -2.98 -10.81 5.85
CA ILE A 35 -2.98 -10.25 7.18
C ILE A 35 -4.38 -9.85 7.63
N GLN A 36 -4.52 -9.50 8.90
CA GLN A 36 -5.82 -9.11 9.44
C GLN A 36 -6.01 -7.60 9.36
N GLY A 37 -4.91 -6.86 9.51
CA GLY A 37 -4.98 -5.42 9.45
C GLY A 37 -3.94 -4.74 10.32
N ASP A 38 -3.80 -3.43 10.18
CA ASP A 38 -2.83 -2.67 10.95
C ASP A 38 -3.32 -1.25 11.21
N SER A 39 -3.73 -0.57 10.13
CA SER A 39 -4.22 0.80 10.24
C SER A 39 -4.53 1.37 8.86
N ALA A 40 -4.91 2.64 8.82
CA ALA A 40 -5.24 3.31 7.57
C ALA A 40 -4.40 4.57 7.39
N ALA A 41 -4.90 5.49 6.58
CA ALA A 41 -4.21 6.75 6.31
C ALA A 41 -4.74 7.42 5.05
N GLU A 42 -5.18 8.66 5.19
CA GLU A 42 -5.72 9.42 4.06
C GLU A 42 -5.56 10.92 4.29
N VAL A 43 -4.47 11.48 3.78
CA VAL A 43 -4.20 12.91 3.92
C VAL A 43 -3.99 13.56 2.56
N THR A 44 -3.70 12.74 1.56
CA THR A 44 -3.47 13.25 0.21
C THR A 44 -3.53 12.13 -0.81
N GLU A 45 -3.16 12.43 -2.06
CA GLU A 45 -3.17 11.44 -3.12
C GLU A 45 -1.98 11.64 -4.06
N MET A 46 -0.92 10.88 -3.81
CA MET A 46 0.29 10.97 -4.63
C MET A 46 1.32 9.95 -4.18
N ALA A 47 0.85 8.80 -3.70
CA ALA A 47 1.74 7.74 -3.24
C ALA A 47 2.99 8.31 -2.60
N HIS A 48 4.04 8.48 -3.39
CA HIS A 48 5.31 9.02 -2.89
C HIS A 48 5.13 10.46 -2.42
N THR A 49 5.04 10.63 -1.11
CA THR A 49 4.87 11.95 -0.52
C THR A 49 5.84 12.17 0.64
N GLU A 50 5.38 11.85 1.85
CA GLU A 50 6.20 12.00 3.04
C GLU A 50 5.68 11.12 4.17
N THR A 51 4.52 11.47 4.72
CA THR A 51 3.93 10.71 5.81
C THR A 51 2.48 10.36 5.51
N GLY A 52 1.75 9.93 6.54
CA GLY A 52 0.35 9.58 6.35
C GLY A 52 0.18 8.15 5.87
N TRP A 53 0.43 7.93 4.59
CA TRP A 53 0.29 6.60 4.01
C TRP A 53 1.40 5.68 4.49
N SER A 54 1.05 4.76 5.39
CA SER A 54 2.01 3.82 5.94
C SER A 54 1.72 2.40 5.47
N CYS A 55 2.76 1.59 5.36
CA CYS A 55 2.61 0.20 4.92
C CYS A 55 3.23 -0.76 5.93
N HIS A 56 2.74 -1.99 5.94
CA HIS A 56 3.25 -3.01 6.85
C HIS A 56 4.74 -2.83 7.10
N TYR A 57 5.55 -3.48 6.27
CA TYR A 57 7.00 -3.40 6.40
C TYR A 57 7.55 -2.19 5.65
N CYS A 58 7.25 -1.01 6.16
CA CYS A 58 7.71 0.23 5.54
C CYS A 58 8.89 0.83 6.31
N ASP A 59 8.96 2.15 6.34
CA ASP A 59 10.04 2.84 7.04
C ASP A 59 9.49 3.99 7.88
N ASN A 60 8.49 3.69 8.70
CA ASN A 60 7.88 4.69 9.55
C ASN A 60 8.45 4.63 10.96
N GLU A 1 4.84 -0.20 -10.00
CA GLU A 1 4.25 -0.97 -8.91
C GLU A 1 2.74 -1.12 -9.11
N MET A 2 2.30 -2.36 -9.32
CA MET A 2 0.89 -2.64 -9.53
C MET A 2 0.45 -3.85 -8.71
N CYS A 3 -0.60 -3.67 -7.91
CA CYS A 3 -1.12 -4.75 -7.07
C CYS A 3 -0.96 -6.09 -7.76
N ASP A 4 -0.13 -6.95 -7.19
CA ASP A 4 0.12 -8.28 -7.74
C ASP A 4 -1.17 -9.09 -7.81
N VAL A 5 -2.19 -8.62 -7.09
CA VAL A 5 -3.49 -9.30 -7.06
C VAL A 5 -4.46 -8.66 -8.06
N CYS A 6 -3.99 -7.63 -8.76
CA CYS A 6 -4.81 -6.94 -9.75
C CYS A 6 -3.96 -6.37 -10.87
N GLU A 7 -3.06 -5.47 -10.52
CA GLU A 7 -2.17 -4.85 -11.52
C GLU A 7 -2.87 -3.69 -12.22
N VAL A 8 -2.99 -2.57 -11.52
CA VAL A 8 -3.64 -1.39 -12.07
C VAL A 8 -3.32 -0.15 -11.24
N TRP A 9 -2.30 0.59 -11.65
CA TRP A 9 -1.89 1.80 -10.95
C TRP A 9 -3.09 2.66 -10.59
N THR A 10 -3.04 3.32 -9.44
CA THR A 10 -4.12 4.17 -8.99
C THR A 10 -3.70 5.63 -8.91
N ALA A 11 -3.25 6.06 -7.73
CA ALA A 11 -2.80 7.42 -7.53
C ALA A 11 -2.76 7.78 -6.05
N GLU A 12 -3.87 7.52 -5.36
CA GLU A 12 -3.97 7.81 -3.94
C GLU A 12 -2.75 7.28 -3.18
N SER A 13 -2.87 6.08 -2.65
CA SER A 13 -1.78 5.45 -1.90
C SER A 13 -1.82 3.93 -2.04
N LEU A 14 -0.98 3.40 -2.90
CA LEU A 14 -0.91 1.96 -3.13
C LEU A 14 0.08 1.30 -2.19
N PHE A 15 -0.27 0.12 -1.69
CA PHE A 15 0.60 -0.62 -0.78
C PHE A 15 1.67 -1.39 -1.55
N PRO A 16 2.81 -1.65 -0.88
CA PRO A 16 3.03 -1.22 0.50
C PRO A 16 3.18 0.29 0.63
N CYS A 17 4.08 0.85 -0.16
CA CYS A 17 4.33 2.29 -0.15
C CYS A 17 5.01 2.74 -1.44
N ARG A 18 6.03 2.01 -1.85
CA ARG A 18 6.77 2.34 -3.06
C ARG A 18 7.78 1.25 -3.40
N VAL A 19 8.36 0.64 -2.36
CA VAL A 19 9.34 -0.42 -2.56
C VAL A 19 9.17 -1.52 -1.51
N CYS A 20 9.99 -1.48 -0.47
CA CYS A 20 9.91 -2.47 0.60
C CYS A 20 10.18 -3.87 0.04
N THR A 21 9.18 -4.43 -0.64
CA THR A 21 9.30 -5.76 -1.22
C THR A 21 8.54 -5.86 -2.53
N ARG A 22 7.22 -5.71 -2.47
CA ARG A 22 6.38 -5.79 -3.65
C ARG A 22 5.31 -4.72 -3.63
N VAL A 23 4.15 -5.02 -4.21
CA VAL A 23 3.04 -4.08 -4.25
C VAL A 23 1.72 -4.79 -3.97
N PHE A 24 0.97 -4.29 -2.99
CA PHE A 24 -0.31 -4.87 -2.62
C PHE A 24 -1.40 -3.81 -2.59
N HIS A 25 -2.64 -4.25 -2.43
CA HIS A 25 -3.78 -3.33 -2.39
C HIS A 25 -4.30 -3.19 -0.95
N ASP A 26 -5.25 -2.28 -0.76
CA ASP A 26 -5.83 -2.05 0.55
C ASP A 26 -7.01 -3.00 0.80
N GLY A 27 -7.74 -3.31 -0.26
CA GLY A 27 -8.88 -4.20 -0.14
C GLY A 27 -8.52 -5.65 -0.38
N CYS A 28 -7.45 -5.88 -1.14
CA CYS A 28 -7.00 -7.22 -1.45
C CYS A 28 -6.31 -7.86 -0.25
N LEU A 29 -5.20 -7.27 0.16
CA LEU A 29 -4.44 -7.77 1.30
C LEU A 29 -5.38 -8.35 2.36
N ARG A 30 -6.56 -7.75 2.49
CA ARG A 30 -7.54 -8.20 3.47
C ARG A 30 -8.34 -9.37 2.93
N ARG A 31 -8.86 -9.22 1.72
CA ARG A 31 -9.65 -10.27 1.08
C ARG A 31 -8.75 -11.41 0.60
N MET A 32 -7.46 -11.29 0.86
CA MET A 32 -6.50 -12.31 0.44
C MET A 32 -5.85 -12.97 1.66
N GLY A 33 -6.34 -12.62 2.85
CA GLY A 33 -5.80 -13.19 4.06
C GLY A 33 -4.35 -12.85 4.27
N TYR A 34 -3.83 -11.92 3.48
CA TYR A 34 -2.44 -11.50 3.57
C TYR A 34 -2.18 -10.77 4.88
N ILE A 35 -3.19 -10.04 5.35
CA ILE A 35 -3.08 -9.28 6.59
C ILE A 35 -4.38 -9.32 7.37
N GLN A 36 -4.39 -8.66 8.53
CA GLN A 36 -5.58 -8.61 9.38
C GLN A 36 -6.02 -7.16 9.62
N GLY A 37 -5.09 -6.35 10.10
CA GLY A 37 -5.40 -4.96 10.36
C GLY A 37 -4.42 -4.00 9.69
N ASP A 38 -4.64 -3.74 8.40
CA ASP A 38 -3.77 -2.85 7.64
C ASP A 38 -4.59 -2.00 6.68
N SER A 39 -5.60 -1.31 7.20
CA SER A 39 -6.46 -0.46 6.39
C SER A 39 -6.56 0.94 6.98
N ALA A 40 -5.86 1.89 6.35
CA ALA A 40 -5.87 3.28 6.82
C ALA A 40 -7.09 4.02 6.28
N ALA A 41 -6.94 5.32 6.08
CA ALA A 41 -8.02 6.15 5.58
C ALA A 41 -7.97 6.26 4.06
N GLU A 42 -6.85 5.86 3.48
CA GLU A 42 -6.67 5.91 2.03
C GLU A 42 -7.36 7.14 1.45
N VAL A 43 -7.14 8.29 2.08
CA VAL A 43 -7.75 9.54 1.62
C VAL A 43 -6.69 10.62 1.40
N THR A 44 -6.19 10.71 0.18
CA THR A 44 -5.18 11.69 -0.17
C THR A 44 -4.80 11.60 -1.64
N GLU A 45 -4.41 12.73 -2.22
CA GLU A 45 -4.02 12.79 -3.62
C GLU A 45 -2.51 12.98 -3.76
N MET A 46 -1.82 13.03 -2.63
CA MET A 46 -0.37 13.22 -2.62
C MET A 46 0.28 12.42 -3.75
N ALA A 47 0.62 11.17 -3.45
CA ALA A 47 1.25 10.30 -4.44
C ALA A 47 2.59 10.87 -4.90
N HIS A 48 3.68 10.22 -4.47
CA HIS A 48 5.02 10.66 -4.84
C HIS A 48 5.29 12.08 -4.33
N THR A 49 5.47 12.21 -3.02
CA THR A 49 5.71 13.51 -2.41
C THR A 49 6.57 13.36 -1.15
N GLU A 50 6.03 12.68 -0.15
CA GLU A 50 6.74 12.48 1.11
C GLU A 50 5.90 11.65 2.08
N THR A 51 4.76 12.20 2.48
CA THR A 51 3.87 11.52 3.40
C THR A 51 2.77 10.77 2.66
N GLY A 52 1.88 10.14 3.41
CA GLY A 52 0.79 9.39 2.81
C GLY A 52 1.14 7.94 2.55
N TRP A 53 1.86 7.69 1.47
CA TRP A 53 2.27 6.33 1.12
C TRP A 53 3.34 5.82 2.07
N SER A 54 2.91 5.17 3.14
CA SER A 54 3.84 4.63 4.13
C SER A 54 3.42 3.22 4.57
N CYS A 55 4.25 2.24 4.27
CA CYS A 55 3.97 0.86 4.63
C CYS A 55 4.52 0.54 6.01
N HIS A 56 4.31 -0.70 6.45
CA HIS A 56 4.79 -1.15 7.76
C HIS A 56 6.27 -1.51 7.70
N TYR A 57 6.64 -2.28 6.69
CA TYR A 57 8.03 -2.70 6.52
C TYR A 57 8.94 -1.51 6.24
N CYS A 58 8.33 -0.34 6.06
CA CYS A 58 9.08 0.88 5.79
C CYS A 58 10.14 1.11 6.85
N ASP A 59 9.74 1.08 8.11
CA ASP A 59 10.67 1.29 9.23
C ASP A 59 10.74 0.04 10.10
N ASN A 60 11.85 -0.10 10.82
CA ASN A 60 12.05 -1.24 11.70
C ASN A 60 12.92 -0.87 12.90
N GLU A 1 5.11 -0.26 -10.36
CA GLU A 1 4.39 -0.92 -9.28
C GLU A 1 3.01 -1.38 -9.75
N MET A 2 2.75 -2.67 -9.61
CA MET A 2 1.46 -3.23 -10.01
C MET A 2 1.01 -4.32 -9.04
N CYS A 3 -0.03 -4.02 -8.27
CA CYS A 3 -0.56 -4.97 -7.30
C CYS A 3 -0.48 -6.40 -7.84
N ASP A 4 0.16 -7.28 -7.07
CA ASP A 4 0.32 -8.67 -7.46
C ASP A 4 -1.02 -9.40 -7.40
N VAL A 5 -2.06 -8.68 -6.99
CA VAL A 5 -3.39 -9.27 -6.88
C VAL A 5 -4.38 -8.56 -7.80
N CYS A 6 -3.89 -7.55 -8.52
CA CYS A 6 -4.72 -6.79 -9.45
C CYS A 6 -3.92 -6.32 -10.65
N GLU A 7 -2.72 -5.80 -10.39
CA GLU A 7 -1.85 -5.32 -11.46
C GLU A 7 -2.33 -3.96 -11.97
N VAL A 8 -2.87 -3.15 -11.07
CA VAL A 8 -3.36 -1.83 -11.43
C VAL A 8 -2.61 -0.74 -10.68
N TRP A 9 -2.18 0.29 -11.40
CA TRP A 9 -1.45 1.40 -10.80
C TRP A 9 -2.28 2.69 -10.83
N THR A 10 -1.87 3.66 -10.03
CA THR A 10 -2.59 4.93 -9.97
C THR A 10 -1.72 6.01 -9.32
N ALA A 11 -1.62 7.16 -9.97
CA ALA A 11 -0.83 8.27 -9.45
C ALA A 11 -1.25 8.63 -8.03
N GLU A 12 -2.54 8.53 -7.76
CA GLU A 12 -3.08 8.84 -6.45
C GLU A 12 -2.09 8.44 -5.36
N SER A 13 -2.22 7.21 -4.87
CA SER A 13 -1.34 6.70 -3.82
C SER A 13 -1.47 5.19 -3.68
N LEU A 14 -0.48 4.47 -4.16
CA LEU A 14 -0.47 3.00 -4.09
C LEU A 14 0.51 2.51 -3.04
N PHE A 15 0.15 1.42 -2.37
CA PHE A 15 1.00 0.84 -1.34
C PHE A 15 1.82 -0.32 -1.90
N PRO A 16 2.98 -0.56 -1.27
CA PRO A 16 3.45 0.21 -0.12
C PRO A 16 3.85 1.64 -0.50
N CYS A 17 4.70 1.75 -1.51
CA CYS A 17 5.16 3.06 -1.97
C CYS A 17 5.95 2.93 -3.26
N ARG A 18 7.28 2.87 -3.14
CA ARG A 18 8.15 2.75 -4.30
C ARG A 18 9.41 1.97 -3.96
N VAL A 19 9.89 2.15 -2.73
CA VAL A 19 11.09 1.45 -2.28
C VAL A 19 10.73 0.19 -1.51
N CYS A 20 9.62 0.25 -0.77
CA CYS A 20 9.16 -0.88 0.02
C CYS A 20 9.14 -2.16 -0.82
N THR A 21 8.71 -3.27 -0.21
CA THR A 21 8.64 -4.54 -0.91
C THR A 21 7.64 -4.48 -2.07
N ARG A 22 7.07 -5.63 -2.41
CA ARG A 22 6.10 -5.71 -3.49
C ARG A 22 5.00 -4.68 -3.32
N VAL A 23 4.00 -4.72 -4.21
CA VAL A 23 2.88 -3.80 -4.14
C VAL A 23 1.57 -4.53 -3.94
N PHE A 24 0.72 -3.99 -3.07
CA PHE A 24 -0.57 -4.60 -2.77
C PHE A 24 -1.60 -3.54 -2.40
N HIS A 25 -2.88 -3.87 -2.60
CA HIS A 25 -3.95 -2.94 -2.29
C HIS A 25 -4.37 -3.06 -0.83
N ASP A 26 -5.23 -2.15 -0.38
CA ASP A 26 -5.70 -2.15 1.00
C ASP A 26 -6.82 -3.18 1.19
N GLY A 27 -7.54 -3.45 0.12
CA GLY A 27 -8.63 -4.41 0.18
C GLY A 27 -8.19 -5.82 -0.16
N CYS A 28 -7.17 -5.92 -1.01
CA CYS A 28 -6.65 -7.22 -1.41
C CYS A 28 -6.06 -7.97 -0.23
N LEU A 29 -4.98 -7.43 0.33
CA LEU A 29 -4.32 -8.05 1.47
C LEU A 29 -5.34 -8.47 2.52
N ARG A 30 -6.32 -7.61 2.78
CA ARG A 30 -7.36 -7.90 3.76
C ARG A 30 -8.21 -9.09 3.33
N ARG A 31 -8.75 -9.01 2.12
CA ARG A 31 -9.59 -10.08 1.58
C ARG A 31 -8.75 -11.31 1.26
N MET A 32 -7.44 -11.17 1.39
CA MET A 32 -6.51 -12.27 1.10
C MET A 32 -5.88 -12.79 2.39
N GLY A 33 -6.22 -12.17 3.52
CA GLY A 33 -5.66 -12.58 4.79
C GLY A 33 -4.16 -12.45 4.84
N TYR A 34 -3.61 -11.64 3.93
CA TYR A 34 -2.17 -11.42 3.87
C TYR A 34 -1.69 -10.60 5.07
N ILE A 35 -2.60 -9.80 5.63
CA ILE A 35 -2.27 -8.97 6.78
C ILE A 35 -3.52 -8.49 7.50
N GLN A 36 -3.34 -7.77 8.60
CA GLN A 36 -4.46 -7.26 9.38
C GLN A 36 -4.08 -5.95 10.08
N GLY A 37 -4.87 -4.91 9.82
CA GLY A 37 -4.60 -3.63 10.44
C GLY A 37 -3.93 -2.65 9.50
N ASP A 38 -2.68 -2.30 9.78
CA ASP A 38 -1.94 -1.37 8.95
C ASP A 38 -2.64 -0.03 8.86
N SER A 39 -3.50 0.24 9.83
CA SER A 39 -4.26 1.49 9.86
C SER A 39 -4.86 1.80 8.49
N ALA A 40 -5.39 3.01 8.34
CA ALA A 40 -5.99 3.43 7.08
C ALA A 40 -5.88 4.94 6.89
N ALA A 41 -5.86 5.38 5.64
CA ALA A 41 -5.76 6.80 5.33
C ALA A 41 -6.64 7.16 4.13
N GLU A 42 -6.02 7.24 2.96
CA GLU A 42 -6.74 7.57 1.74
C GLU A 42 -7.57 8.84 1.93
N VAL A 43 -7.10 9.72 2.81
CA VAL A 43 -7.80 10.96 3.09
C VAL A 43 -7.07 12.15 2.48
N THR A 44 -5.77 11.98 2.24
CA THR A 44 -4.96 13.03 1.67
C THR A 44 -3.57 12.52 1.29
N GLU A 45 -2.82 13.34 0.57
CA GLU A 45 -1.48 12.96 0.14
C GLU A 45 -1.53 12.03 -1.07
N MET A 46 -0.39 11.86 -1.74
CA MET A 46 -0.32 10.99 -2.91
C MET A 46 0.77 9.93 -2.72
N ALA A 47 1.57 9.73 -3.77
CA ALA A 47 2.64 8.74 -3.72
C ALA A 47 3.88 9.31 -3.05
N HIS A 48 4.39 10.42 -3.57
CA HIS A 48 5.57 11.07 -3.02
C HIS A 48 5.64 12.53 -3.44
N THR A 49 4.95 13.39 -2.69
CA THR A 49 4.94 14.82 -3.00
C THR A 49 5.43 15.63 -1.80
N GLU A 50 5.52 14.99 -0.64
CA GLU A 50 5.97 15.66 0.58
C GLU A 50 6.70 14.68 1.49
N THR A 51 6.04 13.58 1.82
CA THR A 51 6.62 12.57 2.68
C THR A 51 6.33 11.16 2.18
N GLY A 52 6.70 10.16 2.97
CA GLY A 52 6.47 8.78 2.57
C GLY A 52 5.26 8.18 3.25
N TRP A 53 4.68 7.16 2.64
CA TRP A 53 3.51 6.49 3.20
C TRP A 53 3.90 5.26 3.99
N SER A 54 3.11 4.92 5.00
CA SER A 54 3.37 3.77 5.84
C SER A 54 2.91 2.48 5.17
N CYS A 55 3.59 1.38 5.47
CA CYS A 55 3.24 0.09 4.89
C CYS A 55 3.61 -1.05 5.85
N HIS A 56 3.76 -2.25 5.30
CA HIS A 56 4.11 -3.42 6.09
C HIS A 56 5.57 -3.35 6.53
N TYR A 57 6.48 -3.50 5.58
CA TYR A 57 7.91 -3.47 5.87
C TYR A 57 8.41 -2.03 5.97
N CYS A 58 7.57 -1.09 5.55
CA CYS A 58 7.92 0.32 5.59
C CYS A 58 8.76 0.64 6.83
N ASP A 59 8.14 0.51 8.00
CA ASP A 59 8.83 0.76 9.26
C ASP A 59 9.79 -0.36 9.60
N ASN A 60 11.04 0.00 9.88
CA ASN A 60 12.06 -0.99 10.22
C ASN A 60 12.42 -0.91 11.70
N GLU A 1 5.12 -1.72 -10.82
CA GLU A 1 4.50 -1.80 -9.51
C GLU A 1 3.01 -2.08 -9.62
N MET A 2 2.67 -3.29 -10.07
CA MET A 2 1.28 -3.67 -10.22
C MET A 2 0.84 -4.63 -9.12
N CYS A 3 -0.20 -4.26 -8.39
CA CYS A 3 -0.71 -5.10 -7.30
C CYS A 3 -0.76 -6.57 -7.72
N ASP A 4 -0.02 -7.40 -7.01
CA ASP A 4 0.02 -8.83 -7.30
C ASP A 4 -1.36 -9.45 -7.16
N VAL A 5 -2.30 -8.68 -6.61
CA VAL A 5 -3.66 -9.15 -6.42
C VAL A 5 -4.62 -8.49 -7.40
N CYS A 6 -4.08 -7.62 -8.25
CA CYS A 6 -4.89 -6.93 -9.25
C CYS A 6 -4.06 -6.61 -10.49
N GLU A 7 -2.96 -5.89 -10.31
CA GLU A 7 -2.09 -5.53 -11.42
C GLU A 7 -2.62 -4.30 -12.14
N VAL A 8 -2.65 -3.18 -11.43
CA VAL A 8 -3.12 -1.92 -12.00
C VAL A 8 -2.83 -0.74 -11.08
N TRP A 9 -1.74 -0.03 -11.36
CA TRP A 9 -1.36 1.11 -10.55
C TRP A 9 -2.32 2.28 -10.76
N THR A 10 -2.60 3.01 -9.68
CA THR A 10 -3.50 4.15 -9.74
C THR A 10 -2.75 5.46 -9.73
N ALA A 11 -2.56 6.03 -8.54
CA ALA A 11 -1.84 7.29 -8.39
C ALA A 11 -2.05 7.87 -7.00
N GLU A 12 -3.29 7.83 -6.52
CA GLU A 12 -3.62 8.36 -5.20
C GLU A 12 -2.58 7.94 -4.17
N SER A 13 -2.16 6.68 -4.24
CA SER A 13 -1.17 6.16 -3.31
C SER A 13 -1.19 4.63 -3.31
N LEU A 14 -0.43 4.03 -4.21
CA LEU A 14 -0.35 2.57 -4.31
C LEU A 14 0.65 2.01 -3.31
N PHE A 15 0.22 1.00 -2.55
CA PHE A 15 1.09 0.37 -1.56
C PHE A 15 1.99 -0.67 -2.21
N PRO A 16 3.15 -0.92 -1.58
CA PRO A 16 3.55 -0.23 -0.35
C PRO A 16 3.88 1.24 -0.58
N CYS A 17 4.31 1.91 0.47
CA CYS A 17 4.65 3.33 0.38
C CYS A 17 5.26 3.66 -0.97
N ARG A 18 6.26 2.88 -1.38
CA ARG A 18 6.92 3.10 -2.66
C ARG A 18 8.30 2.42 -2.68
N VAL A 19 9.16 2.84 -1.77
CA VAL A 19 10.51 2.27 -1.69
C VAL A 19 10.46 0.76 -1.49
N CYS A 20 9.76 0.33 -0.44
CA CYS A 20 9.63 -1.09 -0.13
C CYS A 20 9.24 -1.88 -1.38
N THR A 21 9.90 -3.02 -1.58
CA THR A 21 9.62 -3.86 -2.74
C THR A 21 8.20 -4.40 -2.69
N ARG A 22 7.82 -5.16 -3.72
CA ARG A 22 6.49 -5.74 -3.79
C ARG A 22 5.43 -4.65 -3.86
N VAL A 23 4.27 -4.99 -4.43
CA VAL A 23 3.17 -4.03 -4.55
C VAL A 23 1.83 -4.70 -4.27
N PHE A 24 1.06 -4.10 -3.38
CA PHE A 24 -0.26 -4.63 -3.01
C PHE A 24 -1.23 -3.51 -2.67
N HIS A 25 -2.49 -3.87 -2.48
CA HIS A 25 -3.52 -2.89 -2.14
C HIS A 25 -3.86 -2.96 -0.66
N ASP A 26 -4.59 -1.95 -0.18
CA ASP A 26 -4.99 -1.89 1.22
C ASP A 26 -6.13 -2.86 1.51
N GLY A 27 -6.97 -3.09 0.50
CA GLY A 27 -8.10 -3.99 0.67
C GLY A 27 -7.75 -5.42 0.27
N CYS A 28 -6.87 -5.56 -0.72
CA CYS A 28 -6.47 -6.87 -1.19
C CYS A 28 -5.74 -7.65 -0.10
N LEU A 29 -4.85 -6.96 0.62
CA LEU A 29 -4.09 -7.58 1.69
C LEU A 29 -5.00 -8.01 2.84
N ARG A 30 -6.19 -7.39 2.91
CA ARG A 30 -7.15 -7.70 3.96
C ARG A 30 -8.14 -8.75 3.47
N ARG A 31 -8.27 -8.89 2.16
CA ARG A 31 -9.20 -9.85 1.57
C ARG A 31 -8.49 -11.18 1.32
N MET A 32 -7.21 -11.12 0.98
CA MET A 32 -6.44 -12.33 0.72
C MET A 32 -5.89 -12.91 2.01
N GLY A 33 -6.24 -12.29 3.13
CA GLY A 33 -5.77 -12.77 4.42
C GLY A 33 -4.29 -12.53 4.62
N TYR A 34 -3.72 -11.61 3.85
CA TYR A 34 -2.31 -11.29 3.94
C TYR A 34 -2.00 -10.56 5.25
N ILE A 35 -2.96 -9.77 5.72
CA ILE A 35 -2.79 -9.03 6.96
C ILE A 35 -3.95 -9.28 7.92
N GLN A 36 -3.75 -8.94 9.19
CA GLN A 36 -4.78 -9.12 10.20
C GLN A 36 -4.86 -7.91 11.12
N GLY A 37 -5.42 -6.82 10.61
CA GLY A 37 -5.54 -5.61 11.41
C GLY A 37 -5.25 -4.36 10.60
N ASP A 38 -6.30 -3.72 10.09
CA ASP A 38 -6.15 -2.50 9.30
C ASP A 38 -6.93 -1.36 9.93
N SER A 39 -6.29 -0.19 10.00
CA SER A 39 -6.92 0.99 10.57
C SER A 39 -5.94 2.17 10.60
N ALA A 40 -5.23 2.31 11.72
CA ALA A 40 -4.26 3.39 11.87
C ALA A 40 -4.73 4.65 11.15
N ALA A 41 -4.00 5.04 10.12
CA ALA A 41 -4.34 6.23 9.35
C ALA A 41 -3.58 6.26 8.02
N GLU A 42 -4.30 5.96 6.93
CA GLU A 42 -3.69 5.95 5.61
C GLU A 42 -4.76 6.02 4.53
N VAL A 43 -5.47 7.14 4.47
CA VAL A 43 -6.52 7.33 3.47
C VAL A 43 -5.94 7.39 2.07
N THR A 44 -5.32 8.51 1.73
CA THR A 44 -4.73 8.70 0.41
C THR A 44 -4.11 10.08 0.26
N GLU A 45 -2.97 10.15 -0.41
CA GLU A 45 -2.28 11.42 -0.62
C GLU A 45 -1.45 11.38 -1.89
N MET A 46 -0.17 11.01 -1.74
CA MET A 46 0.73 10.93 -2.88
C MET A 46 1.84 9.92 -2.62
N ALA A 47 1.75 8.77 -3.28
CA ALA A 47 2.75 7.71 -3.12
C ALA A 47 4.16 8.26 -3.30
N HIS A 48 4.30 9.25 -4.18
CA HIS A 48 5.60 9.86 -4.44
C HIS A 48 5.65 11.29 -3.90
N THR A 49 6.77 11.96 -4.12
CA THR A 49 6.95 13.34 -3.65
C THR A 49 7.15 13.39 -2.14
N GLU A 50 6.11 13.06 -1.40
CA GLU A 50 6.18 13.06 0.06
C GLU A 50 6.64 11.71 0.58
N THR A 51 7.40 11.73 1.68
CA THR A 51 7.92 10.52 2.27
C THR A 51 7.50 10.40 3.74
N GLY A 52 6.73 9.37 4.06
CA GLY A 52 6.28 9.17 5.42
C GLY A 52 4.94 8.47 5.49
N TRP A 53 4.70 7.56 4.55
CA TRP A 53 3.44 6.82 4.51
C TRP A 53 3.62 5.41 5.06
N SER A 54 2.58 4.90 5.71
CA SER A 54 2.63 3.56 6.29
C SER A 54 2.33 2.50 5.24
N CYS A 55 2.90 1.32 5.41
CA CYS A 55 2.70 0.22 4.48
C CYS A 55 3.11 -1.12 5.11
N HIS A 56 3.09 -2.17 4.30
CA HIS A 56 3.46 -3.50 4.78
C HIS A 56 4.78 -3.45 5.56
N TYR A 57 5.89 -3.46 4.83
CA TYR A 57 7.21 -3.43 5.45
C TYR A 57 7.63 -1.99 5.74
N CYS A 58 6.77 -1.26 6.45
CA CYS A 58 7.05 0.13 6.79
C CYS A 58 7.16 0.29 8.31
N ASP A 59 6.63 -0.67 9.05
CA ASP A 59 6.67 -0.64 10.51
C ASP A 59 6.22 -1.97 11.10
N ASN A 60 7.19 -2.83 11.39
CA ASN A 60 6.89 -4.14 11.96
C ASN A 60 8.12 -4.72 12.66
N GLU A 1 5.12 -1.27 -11.21
CA GLU A 1 4.54 -1.88 -10.03
C GLU A 1 3.04 -2.13 -10.21
N MET A 2 2.65 -3.40 -10.19
CA MET A 2 1.25 -3.77 -10.36
C MET A 2 0.82 -4.78 -9.30
N CYS A 3 -0.10 -4.38 -8.44
CA CYS A 3 -0.59 -5.25 -7.38
C CYS A 3 -0.63 -6.70 -7.85
N ASP A 4 0.14 -7.55 -7.18
CA ASP A 4 0.19 -8.97 -7.52
C ASP A 4 -1.18 -9.62 -7.37
N VAL A 5 -2.11 -8.88 -6.79
CA VAL A 5 -3.48 -9.38 -6.59
C VAL A 5 -4.44 -8.73 -7.56
N CYS A 6 -3.95 -7.80 -8.36
CA CYS A 6 -4.77 -7.10 -9.33
C CYS A 6 -3.97 -6.75 -10.58
N GLU A 7 -2.88 -6.00 -10.39
CA GLU A 7 -2.04 -5.61 -11.51
C GLU A 7 -2.60 -4.38 -12.21
N VAL A 8 -2.41 -3.21 -11.59
CA VAL A 8 -2.91 -1.96 -12.15
C VAL A 8 -2.38 -0.76 -11.36
N TRP A 9 -1.71 0.14 -12.07
CA TRP A 9 -1.15 1.33 -11.43
C TRP A 9 -1.51 2.59 -12.22
N THR A 10 -1.44 3.74 -11.56
CA THR A 10 -1.77 5.01 -12.20
C THR A 10 -0.95 6.15 -11.61
N ALA A 11 -1.50 6.79 -10.58
CA ALA A 11 -0.82 7.89 -9.92
C ALA A 11 -1.63 8.40 -8.71
N GLU A 12 -2.40 7.50 -8.12
CA GLU A 12 -3.22 7.85 -6.96
C GLU A 12 -2.44 7.67 -5.67
N SER A 13 -2.23 6.41 -5.28
CA SER A 13 -1.50 6.10 -4.06
C SER A 13 -1.32 4.59 -3.90
N LEU A 14 -0.85 3.95 -4.96
CA LEU A 14 -0.63 2.50 -4.94
C LEU A 14 0.01 2.07 -3.63
N PHE A 15 -0.43 0.93 -3.10
CA PHE A 15 0.11 0.40 -1.85
C PHE A 15 1.09 -0.73 -2.12
N PRO A 16 2.03 -0.93 -1.19
CA PRO A 16 2.13 -0.12 0.03
C PRO A 16 2.58 1.31 -0.26
N CYS A 17 3.67 1.44 -1.01
CA CYS A 17 4.21 2.74 -1.36
C CYS A 17 5.29 2.62 -2.43
N ARG A 18 6.25 3.53 -2.40
CA ARG A 18 7.34 3.53 -3.36
C ARG A 18 8.66 3.15 -2.69
N VAL A 19 8.97 3.82 -1.59
CA VAL A 19 10.20 3.55 -0.85
C VAL A 19 10.34 2.06 -0.53
N CYS A 20 9.22 1.36 -0.52
CA CYS A 20 9.21 -0.07 -0.23
C CYS A 20 9.26 -0.88 -1.52
N THR A 21 9.11 -2.20 -1.39
CA THR A 21 9.13 -3.08 -2.54
C THR A 21 7.78 -3.77 -2.74
N ARG A 22 7.62 -4.45 -3.87
CA ARG A 22 6.39 -5.15 -4.18
C ARG A 22 5.21 -4.17 -4.22
N VAL A 23 4.00 -4.72 -4.33
CA VAL A 23 2.80 -3.89 -4.39
C VAL A 23 1.58 -4.68 -3.95
N PHE A 24 0.85 -4.16 -2.98
CA PHE A 24 -0.35 -4.82 -2.47
C PHE A 24 -1.38 -3.79 -2.00
N HIS A 25 -2.49 -3.71 -2.71
CA HIS A 25 -3.56 -2.77 -2.37
C HIS A 25 -3.89 -2.85 -0.89
N ASP A 26 -4.69 -1.90 -0.42
CA ASP A 26 -5.08 -1.87 0.99
C ASP A 26 -6.29 -2.77 1.24
N GLY A 27 -7.11 -2.95 0.21
CA GLY A 27 -8.28 -3.79 0.33
C GLY A 27 -8.00 -5.24 0.00
N CYS A 28 -6.95 -5.48 -0.76
CA CYS A 28 -6.56 -6.83 -1.15
C CYS A 28 -6.02 -7.60 0.05
N LEU A 29 -4.93 -7.11 0.62
CA LEU A 29 -4.31 -7.76 1.78
C LEU A 29 -5.36 -8.13 2.82
N ARG A 30 -6.44 -7.37 2.86
CA ARG A 30 -7.52 -7.61 3.81
C ARG A 30 -8.44 -8.74 3.30
N ARG A 31 -8.79 -8.67 2.03
CA ARG A 31 -9.67 -9.67 1.43
C ARG A 31 -9.05 -11.07 1.55
N MET A 32 -7.94 -11.27 0.86
CA MET A 32 -7.25 -12.56 0.88
C MET A 32 -6.93 -12.97 2.31
N GLY A 33 -6.77 -11.98 3.19
CA GLY A 33 -6.46 -12.26 4.57
C GLY A 33 -4.97 -12.24 4.85
N TYR A 34 -4.21 -11.60 3.96
CA TYR A 34 -2.76 -11.52 4.11
C TYR A 34 -2.39 -10.74 5.37
N ILE A 35 -3.25 -9.81 5.75
CA ILE A 35 -3.02 -8.98 6.94
C ILE A 35 -4.09 -9.22 7.98
N GLN A 36 -3.68 -9.76 9.13
CA GLN A 36 -4.61 -10.03 10.22
C GLN A 36 -4.92 -8.76 11.01
N GLY A 37 -4.35 -7.65 10.57
CA GLY A 37 -4.56 -6.38 11.24
C GLY A 37 -5.85 -5.70 10.79
N ASP A 38 -6.44 -4.90 11.67
CA ASP A 38 -7.67 -4.18 11.35
C ASP A 38 -7.49 -2.68 11.53
N SER A 39 -6.84 -2.05 10.57
CA SER A 39 -6.60 -0.61 10.63
C SER A 39 -7.44 0.13 9.58
N ALA A 40 -7.28 1.45 9.54
CA ALA A 40 -8.02 2.26 8.58
C ALA A 40 -7.16 3.41 8.06
N ALA A 41 -7.27 3.70 6.77
CA ALA A 41 -6.51 4.77 6.15
C ALA A 41 -7.17 5.25 4.86
N GLU A 42 -8.01 6.27 4.98
CA GLU A 42 -8.71 6.82 3.82
C GLU A 42 -8.80 8.33 3.91
N VAL A 43 -7.82 8.95 4.56
CA VAL A 43 -7.78 10.39 4.72
C VAL A 43 -7.36 11.07 3.42
N THR A 44 -6.52 10.40 2.64
CA THR A 44 -6.04 10.93 1.38
C THR A 44 -5.28 9.88 0.58
N GLU A 45 -4.69 10.29 -0.53
CA GLU A 45 -3.93 9.38 -1.38
C GLU A 45 -2.44 9.42 -1.02
N MET A 46 -1.69 10.23 -1.74
CA MET A 46 -0.25 10.36 -1.51
C MET A 46 0.42 9.00 -1.54
N ALA A 47 1.14 8.72 -2.63
CA ALA A 47 1.83 7.45 -2.79
C ALA A 47 3.25 7.55 -2.25
N HIS A 48 3.82 8.74 -2.29
CA HIS A 48 5.18 8.96 -1.81
C HIS A 48 5.49 10.45 -1.71
N THR A 49 4.45 11.26 -1.56
CA THR A 49 4.61 12.70 -1.45
C THR A 49 5.08 13.11 -0.07
N GLU A 50 4.15 13.19 0.87
CA GLU A 50 4.46 13.58 2.24
C GLU A 50 4.60 12.34 3.13
N THR A 51 5.80 12.13 3.67
CA THR A 51 6.06 10.99 4.54
C THR A 51 4.86 10.68 5.43
N GLY A 52 4.61 9.40 5.66
CA GLY A 52 3.50 9.00 6.50
C GLY A 52 2.88 7.69 6.06
N TRP A 53 3.28 7.22 4.88
CA TRP A 53 2.77 5.96 4.34
C TRP A 53 3.39 4.77 5.06
N SER A 54 2.70 4.27 6.09
CA SER A 54 3.18 3.13 6.85
C SER A 54 2.93 1.83 6.10
N CYS A 55 3.79 0.85 6.34
CA CYS A 55 3.68 -0.46 5.69
C CYS A 55 4.37 -1.54 6.51
N HIS A 56 3.98 -2.79 6.27
CA HIS A 56 4.57 -3.92 6.98
C HIS A 56 6.05 -3.68 7.25
N TYR A 57 6.85 -3.68 6.19
CA TYR A 57 8.28 -3.47 6.32
C TYR A 57 8.67 -2.07 5.83
N CYS A 58 8.00 -1.07 6.37
CA CYS A 58 8.28 0.32 5.99
C CYS A 58 9.29 0.95 6.94
N ASP A 59 9.61 0.23 8.01
CA ASP A 59 10.57 0.72 8.99
C ASP A 59 9.91 1.70 9.95
N ASN A 60 9.64 1.25 11.18
CA ASN A 60 9.00 2.09 12.18
C ASN A 60 9.88 2.21 13.42
N GLU A 1 4.49 0.09 -11.37
CA GLU A 1 4.21 -1.02 -10.46
C GLU A 1 2.71 -1.25 -10.31
N MET A 2 2.24 -2.41 -10.74
CA MET A 2 0.82 -2.75 -10.64
C MET A 2 0.58 -3.85 -9.61
N CYS A 3 -0.31 -3.59 -8.67
CA CYS A 3 -0.63 -4.56 -7.63
C CYS A 3 -0.55 -5.98 -8.17
N ASP A 4 0.11 -6.86 -7.42
CA ASP A 4 0.26 -8.25 -7.82
C ASP A 4 -1.03 -9.03 -7.59
N VAL A 5 -2.08 -8.31 -7.21
CA VAL A 5 -3.38 -8.93 -6.95
C VAL A 5 -4.48 -8.27 -7.77
N CYS A 6 -4.10 -7.26 -8.56
CA CYS A 6 -5.05 -6.54 -9.38
C CYS A 6 -4.47 -6.25 -10.76
N GLU A 7 -3.19 -5.88 -10.79
CA GLU A 7 -2.51 -5.57 -12.04
C GLU A 7 -2.79 -4.13 -12.47
N VAL A 8 -3.56 -3.42 -11.66
CA VAL A 8 -3.90 -2.03 -11.97
C VAL A 8 -3.43 -1.09 -10.86
N TRP A 9 -2.44 -0.26 -11.18
CA TRP A 9 -1.90 0.69 -10.22
C TRP A 9 -2.76 1.95 -10.14
N THR A 10 -4.00 1.83 -10.59
CA THR A 10 -4.93 2.95 -10.57
C THR A 10 -4.19 4.27 -10.81
N ALA A 11 -3.79 4.92 -9.72
CA ALA A 11 -3.07 6.19 -9.82
C ALA A 11 -3.11 6.94 -8.49
N GLU A 12 -4.31 7.07 -7.92
CA GLU A 12 -4.48 7.77 -6.65
C GLU A 12 -3.28 7.52 -5.74
N SER A 13 -3.37 6.49 -4.92
CA SER A 13 -2.30 6.15 -3.98
C SER A 13 -2.12 4.63 -3.88
N LEU A 14 -0.97 4.15 -4.33
CA LEU A 14 -0.68 2.71 -4.28
C LEU A 14 -0.06 2.33 -2.94
N PHE A 15 -0.05 1.03 -2.65
CA PHE A 15 0.51 0.53 -1.41
C PHE A 15 1.21 -0.80 -1.62
N PRO A 16 2.41 -0.94 -1.03
CA PRO A 16 3.01 0.12 -0.21
C PRO A 16 3.47 1.31 -1.04
N CYS A 17 4.29 2.16 -0.44
CA CYS A 17 4.80 3.34 -1.13
C CYS A 17 4.95 3.08 -2.63
N ARG A 18 5.92 2.26 -2.98
CA ARG A 18 6.18 1.93 -4.39
C ARG A 18 6.88 0.58 -4.50
N VAL A 19 7.77 0.30 -3.56
CA VAL A 19 8.51 -0.96 -3.55
C VAL A 19 8.21 -1.78 -2.30
N CYS A 20 9.01 -1.57 -1.26
CA CYS A 20 8.83 -2.29 0.00
C CYS A 20 8.32 -3.70 -0.25
N THR A 21 8.98 -4.41 -1.16
CA THR A 21 8.59 -5.78 -1.49
C THR A 21 7.35 -5.80 -2.37
N ARG A 22 7.53 -6.11 -3.64
CA ARG A 22 6.42 -6.17 -4.58
C ARG A 22 5.41 -5.07 -4.29
N VAL A 23 4.16 -5.28 -4.71
CA VAL A 23 3.10 -4.31 -4.50
C VAL A 23 1.81 -4.99 -4.04
N PHE A 24 1.17 -4.40 -3.05
CA PHE A 24 -0.08 -4.95 -2.51
C PHE A 24 -0.97 -3.84 -1.97
N HIS A 25 -2.13 -3.66 -2.62
CA HIS A 25 -3.07 -2.63 -2.20
C HIS A 25 -3.35 -2.72 -0.71
N ASP A 26 -4.23 -1.84 -0.23
CA ASP A 26 -4.59 -1.82 1.19
C ASP A 26 -5.78 -2.73 1.46
N GLY A 27 -6.63 -2.90 0.45
CA GLY A 27 -7.80 -3.74 0.59
C GLY A 27 -7.54 -5.18 0.17
N CYS A 28 -6.57 -5.36 -0.71
CA CYS A 28 -6.23 -6.69 -1.20
C CYS A 28 -5.64 -7.55 -0.08
N LEU A 29 -4.47 -7.16 0.40
CA LEU A 29 -3.81 -7.89 1.48
C LEU A 29 -4.83 -8.46 2.47
N ARG A 30 -5.86 -7.66 2.76
CA ARG A 30 -6.90 -8.08 3.69
C ARG A 30 -7.75 -9.21 3.09
N ARG A 31 -8.37 -8.93 1.95
CA ARG A 31 -9.20 -9.90 1.26
C ARG A 31 -8.47 -11.23 1.12
N MET A 32 -7.43 -11.24 0.29
CA MET A 32 -6.64 -12.44 0.06
C MET A 32 -6.35 -13.16 1.37
N GLY A 33 -6.22 -12.39 2.44
CA GLY A 33 -5.93 -12.97 3.74
C GLY A 33 -4.49 -12.80 4.15
N TYR A 34 -3.77 -11.95 3.43
CA TYR A 34 -2.36 -11.70 3.72
C TYR A 34 -2.20 -11.03 5.08
N ILE A 35 -2.15 -9.71 5.08
CA ILE A 35 -2.00 -8.95 6.32
C ILE A 35 -3.24 -9.06 7.19
N GLN A 36 -3.24 -8.33 8.30
CA GLN A 36 -4.38 -8.34 9.22
C GLN A 36 -5.01 -6.96 9.31
N GLY A 37 -4.46 -6.11 10.17
CA GLY A 37 -4.99 -4.77 10.33
C GLY A 37 -4.04 -3.70 9.84
N ASP A 38 -4.53 -2.47 9.70
CA ASP A 38 -3.71 -1.36 9.24
C ASP A 38 -4.24 -0.04 9.78
N SER A 39 -3.64 1.06 9.33
CA SER A 39 -4.04 2.39 9.77
C SER A 39 -5.28 2.87 9.00
N ALA A 40 -5.49 4.18 8.98
CA ALA A 40 -6.63 4.76 8.28
C ALA A 40 -6.25 6.08 7.62
N ALA A 41 -6.60 6.22 6.35
CA ALA A 41 -6.31 7.43 5.60
C ALA A 41 -6.92 7.38 4.20
N GLU A 42 -6.11 7.01 3.21
CA GLU A 42 -6.57 6.93 1.83
C GLU A 42 -7.49 8.10 1.49
N VAL A 43 -6.90 9.17 0.96
CA VAL A 43 -7.67 10.35 0.60
C VAL A 43 -7.30 10.83 -0.81
N THR A 44 -6.01 11.05 -1.03
CA THR A 44 -5.53 11.51 -2.32
C THR A 44 -4.00 11.58 -2.35
N GLU A 45 -3.41 10.95 -3.36
CA GLU A 45 -1.96 10.94 -3.50
C GLU A 45 -1.55 10.59 -4.93
N MET A 46 -0.38 9.98 -5.08
CA MET A 46 0.12 9.59 -6.40
C MET A 46 1.16 8.49 -6.27
N ALA A 47 0.96 7.59 -5.32
CA ALA A 47 1.88 6.49 -5.11
C ALA A 47 3.26 7.00 -4.68
N HIS A 48 3.56 6.85 -3.39
CA HIS A 48 4.84 7.30 -2.85
C HIS A 48 5.18 8.70 -3.36
N THR A 49 4.43 9.69 -2.91
CA THR A 49 4.65 11.07 -3.32
C THR A 49 4.54 12.02 -2.14
N GLU A 50 3.30 12.31 -1.73
CA GLU A 50 3.05 13.20 -0.61
C GLU A 50 3.63 12.63 0.68
N THR A 51 4.92 12.89 0.91
CA THR A 51 5.59 12.40 2.11
C THR A 51 5.90 10.90 1.99
N GLY A 52 4.90 10.11 1.63
CA GLY A 52 5.10 8.68 1.48
C GLY A 52 4.02 7.88 2.19
N TRP A 53 3.65 6.75 1.60
CA TRP A 53 2.63 5.89 2.18
C TRP A 53 3.22 4.99 3.26
N SER A 54 2.40 4.61 4.24
CA SER A 54 2.84 3.75 5.33
C SER A 54 2.71 2.28 4.94
N CYS A 55 3.58 1.45 5.50
CA CYS A 55 3.57 0.02 5.23
C CYS A 55 4.16 -0.77 6.40
N HIS A 56 3.90 -2.07 6.41
CA HIS A 56 4.40 -2.94 7.47
C HIS A 56 5.85 -2.60 7.82
N TYR A 57 6.75 -2.86 6.87
CA TYR A 57 8.17 -2.57 7.08
C TYR A 57 8.42 -1.07 7.10
N CYS A 58 7.37 -0.28 6.91
CA CYS A 58 7.49 1.17 6.90
C CYS A 58 6.81 1.77 8.13
N ASP A 59 6.70 0.97 9.19
CA ASP A 59 6.07 1.42 10.43
C ASP A 59 4.59 1.68 10.23
N ASN A 60 3.87 1.84 11.33
CA ASN A 60 2.43 2.09 11.27
C ASN A 60 1.87 2.40 12.67
N GLU A 1 4.94 -0.90 -10.98
CA GLU A 1 4.27 -1.22 -9.73
C GLU A 1 2.80 -1.54 -9.98
N MET A 2 2.42 -2.80 -9.79
CA MET A 2 1.04 -3.23 -9.99
C MET A 2 0.66 -4.31 -8.99
N CYS A 3 -0.33 -4.01 -8.15
CA CYS A 3 -0.80 -4.96 -7.14
C CYS A 3 -0.70 -6.39 -7.66
N ASP A 4 0.14 -7.19 -7.01
CA ASP A 4 0.33 -8.59 -7.41
C ASP A 4 -1.00 -9.35 -7.35
N VAL A 5 -2.00 -8.74 -6.71
CA VAL A 5 -3.31 -9.36 -6.57
C VAL A 5 -4.28 -8.81 -7.61
N CYS A 6 -3.88 -7.73 -8.28
CA CYS A 6 -4.71 -7.10 -9.30
C CYS A 6 -3.88 -6.74 -10.53
N GLU A 7 -2.89 -5.87 -10.33
CA GLU A 7 -2.02 -5.44 -11.41
C GLU A 7 -2.67 -4.31 -12.21
N VAL A 8 -2.71 -3.12 -11.62
CA VAL A 8 -3.30 -1.96 -12.28
C VAL A 8 -2.95 -0.67 -11.52
N TRP A 9 -1.96 0.05 -12.02
CA TRP A 9 -1.54 1.30 -11.41
C TRP A 9 -2.37 2.47 -11.92
N THR A 10 -2.31 3.59 -11.20
CA THR A 10 -3.06 4.78 -11.58
C THR A 10 -2.28 6.05 -11.23
N ALA A 11 -2.42 6.49 -9.98
CA ALA A 11 -1.73 7.69 -9.52
C ALA A 11 -2.21 8.10 -8.12
N GLU A 12 -3.45 7.74 -7.81
CA GLU A 12 -4.03 8.07 -6.51
C GLU A 12 -3.08 7.70 -5.38
N SER A 13 -3.25 6.50 -4.84
CA SER A 13 -2.41 6.03 -3.75
C SER A 13 -2.32 4.50 -3.76
N LEU A 14 -1.20 3.99 -4.28
CA LEU A 14 -0.98 2.55 -4.35
C LEU A 14 -0.20 2.06 -3.13
N PHE A 15 -0.37 0.79 -2.79
CA PHE A 15 0.30 0.19 -1.65
C PHE A 15 1.40 -0.76 -2.12
N PRO A 16 2.44 -0.94 -1.26
CA PRO A 16 2.51 -0.26 0.03
C PRO A 16 2.75 1.24 -0.10
N CYS A 17 3.76 1.60 -0.89
CA CYS A 17 4.10 3.00 -1.09
C CYS A 17 4.85 3.19 -2.41
N ARG A 18 5.64 4.26 -2.49
CA ARG A 18 6.41 4.55 -3.70
C ARG A 18 7.24 3.34 -4.11
N VAL A 19 7.79 2.63 -3.13
CA VAL A 19 8.59 1.45 -3.40
C VAL A 19 8.28 0.33 -2.42
N CYS A 20 8.94 0.35 -1.27
CA CYS A 20 8.73 -0.67 -0.24
C CYS A 20 8.79 -2.07 -0.85
N THR A 21 8.31 -3.06 -0.10
CA THR A 21 8.31 -4.44 -0.55
C THR A 21 7.18 -4.69 -1.54
N ARG A 22 7.53 -5.17 -2.74
CA ARG A 22 6.55 -5.45 -3.77
C ARG A 22 5.39 -4.45 -3.71
N VAL A 23 4.21 -4.89 -4.12
CA VAL A 23 3.03 -4.04 -4.10
C VAL A 23 1.78 -4.82 -3.69
N PHE A 24 1.06 -4.30 -2.72
CA PHE A 24 -0.15 -4.95 -2.22
C PHE A 24 -1.20 -3.91 -1.83
N HIS A 25 -2.28 -3.86 -2.59
CA HIS A 25 -3.37 -2.91 -2.31
C HIS A 25 -3.70 -2.88 -0.83
N ASP A 26 -4.51 -1.91 -0.43
CA ASP A 26 -4.91 -1.77 0.97
C ASP A 26 -6.12 -2.64 1.28
N GLY A 27 -6.94 -2.91 0.26
CA GLY A 27 -8.12 -3.73 0.46
C GLY A 27 -7.85 -5.19 0.18
N CYS A 28 -7.11 -5.47 -0.88
CA CYS A 28 -6.79 -6.85 -1.25
C CYS A 28 -6.19 -7.61 -0.07
N LEU A 29 -5.17 -7.02 0.55
CA LEU A 29 -4.51 -7.64 1.70
C LEU A 29 -5.54 -8.23 2.67
N ARG A 30 -6.76 -7.69 2.63
CA ARG A 30 -7.82 -8.17 3.50
C ARG A 30 -8.63 -9.26 2.81
N ARG A 31 -8.92 -9.06 1.52
CA ARG A 31 -9.70 -10.02 0.76
C ARG A 31 -9.02 -11.40 0.76
N MET A 32 -7.82 -11.46 0.20
CA MET A 32 -7.06 -12.70 0.15
C MET A 32 -6.90 -13.30 1.55
N GLY A 33 -6.49 -12.46 2.50
CA GLY A 33 -6.30 -12.94 3.86
C GLY A 33 -4.89 -12.69 4.37
N TYR A 34 -4.19 -11.76 3.73
CA TYR A 34 -2.82 -11.44 4.11
C TYR A 34 -2.79 -10.76 5.48
N ILE A 35 -3.90 -10.12 5.84
CA ILE A 35 -3.99 -9.44 7.12
C ILE A 35 -5.32 -9.76 7.82
N GLN A 36 -5.26 -9.90 9.14
CA GLN A 36 -6.45 -10.22 9.92
C GLN A 36 -7.44 -9.05 9.90
N GLY A 37 -6.92 -7.85 10.12
CA GLY A 37 -7.76 -6.66 10.14
C GLY A 37 -7.83 -6.01 11.51
N ASP A 38 -9.04 -5.67 11.93
CA ASP A 38 -9.23 -5.03 13.23
C ASP A 38 -8.92 -3.54 13.15
N SER A 39 -9.85 -2.72 13.64
CA SER A 39 -9.68 -1.27 13.64
C SER A 39 -9.84 -0.72 12.22
N ALA A 40 -9.38 0.52 12.02
CA ALA A 40 -9.47 1.16 10.72
C ALA A 40 -8.65 2.44 10.69
N ALA A 41 -8.25 2.86 9.48
CA ALA A 41 -7.47 4.08 9.32
C ALA A 41 -7.53 4.58 7.89
N GLU A 42 -6.50 4.25 7.11
CA GLU A 42 -6.44 4.66 5.71
C GLU A 42 -7.03 6.06 5.53
N VAL A 43 -6.80 6.93 6.51
CA VAL A 43 -7.31 8.29 6.46
C VAL A 43 -6.95 8.97 5.15
N THR A 44 -5.67 9.28 4.97
CA THR A 44 -5.20 9.93 3.75
C THR A 44 -3.84 9.39 3.34
N GLU A 45 -3.73 8.95 2.09
CA GLU A 45 -2.48 8.42 1.57
C GLU A 45 -2.27 8.84 0.12
N MET A 46 -1.01 8.95 -0.28
CA MET A 46 -0.68 9.35 -1.65
C MET A 46 0.24 8.32 -2.30
N ALA A 47 1.28 8.80 -2.98
CA ALA A 47 2.23 7.92 -3.65
C ALA A 47 3.46 8.68 -4.11
N HIS A 48 3.78 9.76 -3.40
CA HIS A 48 4.93 10.58 -3.74
C HIS A 48 5.52 11.24 -2.50
N THR A 49 6.28 12.32 -2.71
CA THR A 49 6.89 13.05 -1.61
C THR A 49 8.11 12.30 -1.07
N GLU A 50 8.42 12.54 0.20
CA GLU A 50 9.56 11.89 0.84
C GLU A 50 9.11 10.96 1.96
N THR A 51 8.10 11.40 2.71
CA THR A 51 7.57 10.61 3.81
C THR A 51 6.05 10.74 3.91
N GLY A 52 5.45 9.95 4.80
CA GLY A 52 4.01 9.99 4.96
C GLY A 52 3.33 8.74 4.45
N TRP A 53 4.12 7.73 4.11
CA TRP A 53 3.59 6.47 3.60
C TRP A 53 4.12 5.29 4.41
N SER A 54 3.35 4.89 5.41
CA SER A 54 3.74 3.78 6.27
C SER A 54 3.41 2.44 5.61
N CYS A 55 4.24 1.44 5.87
CA CYS A 55 4.03 0.11 5.29
C CYS A 55 4.69 -0.96 6.17
N HIS A 56 4.16 -2.18 6.08
CA HIS A 56 4.69 -3.30 6.86
C HIS A 56 6.21 -3.24 6.93
N TYR A 57 6.85 -3.30 5.77
CA TYR A 57 8.31 -3.27 5.70
C TYR A 57 8.80 -1.87 5.35
N CYS A 58 8.12 -0.86 5.89
CA CYS A 58 8.48 0.53 5.64
C CYS A 58 9.50 1.02 6.67
N ASP A 59 9.17 0.85 7.94
CA ASP A 59 10.05 1.27 9.02
C ASP A 59 10.16 0.19 10.09
N ASN A 60 10.93 0.47 11.14
CA ASN A 60 11.12 -0.48 12.22
C ASN A 60 11.25 0.24 13.57
N GLU A 1 3.96 1.02 -9.84
CA GLU A 1 3.65 -0.19 -9.07
C GLU A 1 2.32 -0.80 -9.51
N MET A 2 2.31 -2.12 -9.65
CA MET A 2 1.10 -2.82 -10.06
C MET A 2 0.79 -3.97 -9.10
N CYS A 3 -0.26 -3.80 -8.31
CA CYS A 3 -0.67 -4.81 -7.35
C CYS A 3 -0.49 -6.22 -7.93
N ASP A 4 0.41 -6.99 -7.32
CA ASP A 4 0.67 -8.35 -7.78
C ASP A 4 -0.60 -9.19 -7.76
N VAL A 5 -1.64 -8.67 -7.10
CA VAL A 5 -2.92 -9.37 -7.01
C VAL A 5 -3.92 -8.84 -8.02
N CYS A 6 -3.60 -7.69 -8.61
CA CYS A 6 -4.46 -7.07 -9.60
C CYS A 6 -3.66 -6.58 -10.81
N GLU A 7 -2.72 -5.69 -10.56
CA GLU A 7 -1.88 -5.15 -11.64
C GLU A 7 -2.59 -4.01 -12.35
N VAL A 8 -2.77 -2.89 -11.65
CA VAL A 8 -3.43 -1.73 -12.22
C VAL A 8 -3.30 -0.51 -11.30
N TRP A 9 -2.63 0.52 -11.78
CA TRP A 9 -2.44 1.74 -11.00
C TRP A 9 -3.49 2.79 -11.36
N THR A 10 -3.63 3.79 -10.51
CA THR A 10 -4.60 4.85 -10.74
C THR A 10 -4.19 6.14 -10.01
N ALA A 11 -4.44 6.17 -8.71
CA ALA A 11 -4.11 7.34 -7.89
C ALA A 11 -4.62 7.18 -6.47
N GLU A 12 -5.73 6.46 -6.32
CA GLU A 12 -6.32 6.25 -5.01
C GLU A 12 -5.25 6.13 -3.94
N SER A 13 -4.42 5.11 -4.04
CA SER A 13 -3.34 4.89 -3.08
C SER A 13 -2.83 3.45 -3.15
N LEU A 14 -1.87 3.23 -4.03
CA LEU A 14 -1.28 1.90 -4.20
C LEU A 14 -0.48 1.48 -2.97
N PHE A 15 -0.53 0.19 -2.65
CA PHE A 15 0.18 -0.32 -1.49
C PHE A 15 1.31 -1.26 -1.92
N PRO A 16 2.35 -1.37 -1.07
CA PRO A 16 2.41 -0.64 0.20
C PRO A 16 2.60 0.86 0.00
N CYS A 17 3.60 1.23 -0.80
CA CYS A 17 3.88 2.63 -1.07
C CYS A 17 4.57 2.79 -2.43
N ARG A 18 5.39 3.81 -2.55
CA ARG A 18 6.11 4.09 -3.79
C ARG A 18 7.24 3.07 -3.99
N VAL A 19 8.08 2.92 -2.98
CA VAL A 19 9.20 1.99 -3.05
C VAL A 19 9.28 1.12 -1.80
N CYS A 20 9.03 -0.16 -1.95
CA CYS A 20 9.08 -1.10 -0.83
C CYS A 20 9.32 -2.53 -1.32
N THR A 21 8.79 -3.50 -0.58
CA THR A 21 8.96 -4.91 -0.93
C THR A 21 7.78 -5.40 -1.75
N ARG A 22 7.81 -5.11 -3.05
CA ARG A 22 6.74 -5.54 -3.96
C ARG A 22 5.57 -4.56 -3.90
N VAL A 23 4.40 -5.03 -4.30
CA VAL A 23 3.19 -4.19 -4.30
C VAL A 23 1.96 -5.02 -3.97
N PHE A 24 1.20 -4.57 -2.98
CA PHE A 24 -0.01 -5.27 -2.57
C PHE A 24 -1.05 -4.28 -2.01
N HIS A 25 -2.15 -4.12 -2.74
CA HIS A 25 -3.22 -3.22 -2.32
C HIS A 25 -3.53 -3.39 -0.85
N ASP A 26 -4.34 -2.49 -0.30
CA ASP A 26 -4.72 -2.54 1.10
C ASP A 26 -6.00 -3.34 1.29
N GLY A 27 -6.82 -3.40 0.24
CA GLY A 27 -8.08 -4.14 0.31
C GLY A 27 -7.92 -5.57 -0.15
N CYS A 28 -6.98 -5.80 -1.06
CA CYS A 28 -6.74 -7.15 -1.59
C CYS A 28 -6.29 -8.09 -0.48
N LEU A 29 -5.25 -7.70 0.23
CA LEU A 29 -4.72 -8.52 1.32
C LEU A 29 -5.76 -8.70 2.42
N ARG A 30 -6.57 -7.67 2.63
CA ARG A 30 -7.61 -7.71 3.65
C ARG A 30 -8.72 -8.69 3.26
N ARG A 31 -9.31 -8.46 2.09
CA ARG A 31 -10.38 -9.31 1.59
C ARG A 31 -9.90 -10.75 1.42
N MET A 32 -8.82 -10.91 0.66
CA MET A 32 -8.25 -12.24 0.42
C MET A 32 -8.07 -13.00 1.71
N GLY A 33 -8.01 -12.28 2.83
CA GLY A 33 -7.85 -12.91 4.13
C GLY A 33 -6.40 -12.95 4.57
N TYR A 34 -5.55 -12.20 3.88
CA TYR A 34 -4.13 -12.17 4.21
C TYR A 34 -3.89 -11.39 5.50
N ILE A 35 -4.85 -10.54 5.86
CA ILE A 35 -4.74 -9.75 7.08
C ILE A 35 -6.12 -9.31 7.56
N GLN A 36 -6.15 -8.65 8.72
CA GLN A 36 -7.41 -8.18 9.30
C GLN A 36 -7.17 -6.94 10.16
N GLY A 37 -7.77 -5.82 9.75
CA GLY A 37 -7.62 -4.59 10.50
C GLY A 37 -8.44 -3.46 9.92
N ASP A 38 -8.85 -2.53 10.79
CA ASP A 38 -9.66 -1.40 10.37
C ASP A 38 -8.86 -0.11 10.40
N SER A 39 -8.79 0.52 11.58
CA SER A 39 -8.05 1.76 11.75
C SER A 39 -8.81 2.93 11.12
N ALA A 40 -8.10 4.05 10.94
CA ALA A 40 -8.70 5.24 10.35
C ALA A 40 -7.70 6.38 10.29
N ALA A 41 -7.91 7.29 9.35
CA ALA A 41 -7.03 8.45 9.18
C ALA A 41 -7.22 9.09 7.81
N GLU A 42 -7.52 10.38 7.80
CA GLU A 42 -7.73 11.12 6.56
C GLU A 42 -7.25 12.56 6.69
N VAL A 43 -5.95 12.74 6.78
CA VAL A 43 -5.37 14.07 6.91
C VAL A 43 -4.82 14.57 5.57
N THR A 44 -4.54 13.64 4.67
CA THR A 44 -4.01 13.98 3.35
C THR A 44 -4.08 12.78 2.41
N GLU A 45 -3.89 13.05 1.12
CA GLU A 45 -3.94 12.00 0.11
C GLU A 45 -2.85 12.21 -0.95
N MET A 46 -2.07 11.16 -1.19
CA MET A 46 -0.99 11.23 -2.17
C MET A 46 -0.59 9.84 -2.64
N ALA A 47 0.44 9.28 -1.99
CA ALA A 47 0.93 7.96 -2.33
C ALA A 47 2.34 7.73 -1.78
N HIS A 48 3.10 8.81 -1.66
CA HIS A 48 4.45 8.73 -1.15
C HIS A 48 5.15 10.09 -1.23
N THR A 49 6.01 10.38 -0.26
CA THR A 49 6.74 11.63 -0.22
C THR A 49 7.72 11.67 0.95
N GLU A 50 7.18 11.78 2.16
CA GLU A 50 8.00 11.82 3.36
C GLU A 50 7.13 11.89 4.62
N THR A 51 7.40 10.99 5.56
CA THR A 51 6.64 10.94 6.80
C THR A 51 5.15 10.96 6.54
N GLY A 52 4.55 9.78 6.40
CA GLY A 52 3.13 9.68 6.14
C GLY A 52 2.65 8.25 6.04
N TRP A 53 2.31 7.83 4.83
CA TRP A 53 1.83 6.47 4.59
C TRP A 53 3.00 5.52 4.36
N SER A 54 3.42 4.84 5.42
CA SER A 54 4.54 3.89 5.33
C SER A 54 4.12 2.52 5.85
N CYS A 55 4.19 1.53 4.97
CA CYS A 55 3.83 0.16 5.33
C CYS A 55 4.67 -0.34 6.49
N HIS A 56 4.13 -1.30 7.24
CA HIS A 56 4.86 -1.87 8.38
C HIS A 56 6.32 -2.12 8.02
N TYR A 57 6.55 -2.61 6.82
CA TYR A 57 7.91 -2.90 6.36
C TYR A 57 8.79 -1.66 6.44
N CYS A 58 8.36 -0.61 5.75
CA CYS A 58 9.11 0.65 5.74
C CYS A 58 8.84 1.46 7.01
N ASP A 59 8.05 0.88 7.91
CA ASP A 59 7.72 1.54 9.16
C ASP A 59 8.86 1.40 10.17
N ASN A 60 8.59 1.78 11.42
CA ASN A 60 9.60 1.70 12.47
C ASN A 60 8.98 1.23 13.78
N GLU A 1 5.84 -1.74 -10.62
CA GLU A 1 5.11 -1.41 -9.41
C GLU A 1 3.62 -1.64 -9.58
N MET A 2 3.23 -2.90 -9.69
CA MET A 2 1.83 -3.28 -9.87
C MET A 2 1.38 -4.23 -8.77
N CYS A 3 0.24 -3.91 -8.14
CA CYS A 3 -0.30 -4.75 -7.08
C CYS A 3 -0.18 -6.22 -7.42
N ASP A 4 0.66 -6.94 -6.69
CA ASP A 4 0.85 -8.36 -6.92
C ASP A 4 -0.45 -9.13 -6.79
N VAL A 5 -1.47 -8.45 -6.27
CA VAL A 5 -2.78 -9.06 -6.09
C VAL A 5 -3.74 -8.65 -7.22
N CYS A 6 -3.35 -7.63 -7.97
CA CYS A 6 -4.16 -7.14 -9.08
C CYS A 6 -3.32 -6.90 -10.32
N GLU A 7 -2.31 -6.04 -10.18
CA GLU A 7 -1.43 -5.72 -11.30
C GLU A 7 -2.05 -4.66 -12.21
N VAL A 8 -2.22 -3.45 -11.67
CA VAL A 8 -2.81 -2.35 -12.42
C VAL A 8 -2.51 -1.01 -11.77
N TRP A 9 -1.60 -0.25 -12.36
CA TRP A 9 -1.23 1.05 -11.83
C TRP A 9 -1.78 2.17 -12.71
N THR A 10 -1.83 3.38 -12.16
CA THR A 10 -2.34 4.54 -12.88
C THR A 10 -1.70 5.83 -12.39
N ALA A 11 -2.03 6.23 -11.16
CA ALA A 11 -1.48 7.43 -10.57
C ALA A 11 -2.27 7.86 -9.34
N GLU A 12 -3.55 7.49 -9.31
CA GLU A 12 -4.42 7.83 -8.19
C GLU A 12 -3.66 7.79 -6.87
N SER A 13 -3.48 6.58 -6.34
CA SER A 13 -2.75 6.40 -5.08
C SER A 13 -2.64 4.92 -4.74
N LEU A 14 -1.47 4.34 -4.99
CA LEU A 14 -1.23 2.93 -4.71
C LEU A 14 -0.87 2.73 -3.24
N PHE A 15 -0.97 1.49 -2.78
CA PHE A 15 -0.66 1.16 -1.39
C PHE A 15 0.08 -0.17 -1.31
N PRO A 16 0.88 -0.33 -0.25
CA PRO A 16 1.04 0.71 0.79
C PRO A 16 1.80 1.93 0.28
N CYS A 17 2.95 1.68 -0.34
CA CYS A 17 3.78 2.76 -0.88
C CYS A 17 3.76 2.75 -2.41
N ARG A 18 4.15 3.86 -3.01
CA ARG A 18 4.18 3.98 -4.45
C ARG A 18 5.12 2.94 -5.06
N VAL A 19 6.12 2.52 -4.29
CA VAL A 19 7.08 1.53 -4.74
C VAL A 19 7.40 0.52 -3.65
N CYS A 20 8.46 0.79 -2.90
CA CYS A 20 8.87 -0.10 -1.82
C CYS A 20 8.86 -1.56 -2.27
N THR A 21 9.08 -2.46 -1.32
CA THR A 21 9.10 -3.90 -1.63
C THR A 21 7.73 -4.37 -2.10
N ARG A 22 7.47 -4.21 -3.40
CA ARG A 22 6.20 -4.64 -3.98
C ARG A 22 5.05 -3.77 -3.45
N VAL A 23 3.91 -3.85 -4.12
CA VAL A 23 2.74 -3.08 -3.72
C VAL A 23 1.56 -3.99 -3.41
N PHE A 24 0.75 -3.60 -2.42
CA PHE A 24 -0.40 -4.39 -2.03
C PHE A 24 -1.55 -3.48 -1.60
N HIS A 25 -2.62 -3.49 -2.39
CA HIS A 25 -3.79 -2.66 -2.10
C HIS A 25 -4.27 -2.88 -0.66
N ASP A 26 -4.77 -1.82 -0.05
CA ASP A 26 -5.26 -1.89 1.33
C ASP A 26 -6.44 -2.86 1.44
N GLY A 27 -7.14 -3.05 0.33
CA GLY A 27 -8.29 -3.94 0.32
C GLY A 27 -7.91 -5.36 -0.07
N CYS A 28 -6.82 -5.50 -0.82
CA CYS A 28 -6.35 -6.80 -1.25
C CYS A 28 -5.72 -7.57 -0.09
N LEU A 29 -4.98 -6.85 0.75
CA LEU A 29 -4.32 -7.47 1.89
C LEU A 29 -5.34 -8.05 2.86
N ARG A 30 -6.47 -7.37 3.01
CA ARG A 30 -7.53 -7.82 3.91
C ARG A 30 -8.39 -8.88 3.24
N ARG A 31 -8.41 -8.87 1.90
CA ARG A 31 -9.20 -9.83 1.14
C ARG A 31 -8.56 -11.22 1.19
N MET A 32 -7.27 -11.28 0.89
CA MET A 32 -6.55 -12.55 0.91
C MET A 32 -6.33 -13.04 2.34
N GLY A 33 -6.35 -12.11 3.29
CA GLY A 33 -6.15 -12.46 4.68
C GLY A 33 -4.75 -12.14 5.17
N TYR A 34 -3.89 -11.69 4.25
CA TYR A 34 -2.51 -11.36 4.60
C TYR A 34 -2.45 -10.67 5.96
N ILE A 35 -3.47 -9.89 6.27
CA ILE A 35 -3.52 -9.17 7.54
C ILE A 35 -4.95 -9.11 8.08
N GLN A 36 -5.10 -8.62 9.30
CA GLN A 36 -6.41 -8.51 9.92
C GLN A 36 -6.74 -7.04 10.21
N GLY A 37 -7.94 -6.63 9.82
CA GLY A 37 -8.36 -5.25 10.05
C GLY A 37 -8.64 -4.51 8.75
N ASP A 38 -9.61 -3.61 8.78
CA ASP A 38 -9.97 -2.83 7.61
C ASP A 38 -10.25 -1.37 7.98
N SER A 39 -10.26 -0.50 6.98
CA SER A 39 -10.51 0.92 7.21
C SER A 39 -11.21 1.54 6.01
N ALA A 40 -11.45 2.85 6.08
CA ALA A 40 -12.12 3.56 5.00
C ALA A 40 -11.13 4.46 4.26
N ALA A 41 -9.91 4.55 4.76
CA ALA A 41 -8.88 5.38 4.15
C ALA A 41 -9.42 6.76 3.78
N GLU A 42 -9.21 7.72 4.67
CA GLU A 42 -9.69 9.08 4.43
C GLU A 42 -8.69 10.10 4.97
N VAL A 43 -7.51 10.14 4.36
CA VAL A 43 -6.47 11.07 4.77
C VAL A 43 -6.19 12.11 3.69
N THR A 44 -5.70 11.65 2.54
CA THR A 44 -5.39 12.53 1.43
C THR A 44 -5.09 11.74 0.16
N GLU A 45 -4.39 10.62 0.33
CA GLU A 45 -4.04 9.78 -0.80
C GLU A 45 -3.00 10.45 -1.68
N MET A 46 -1.78 9.92 -1.67
CA MET A 46 -0.70 10.47 -2.47
C MET A 46 0.44 9.46 -2.62
N ALA A 47 0.47 8.77 -3.76
CA ALA A 47 1.49 7.78 -4.03
C ALA A 47 2.86 8.43 -4.21
N HIS A 48 3.08 9.02 -5.37
CA HIS A 48 4.34 9.70 -5.67
C HIS A 48 4.53 10.93 -4.80
N THR A 49 5.27 10.77 -3.71
CA THR A 49 5.51 11.87 -2.80
C THR A 49 6.64 11.54 -1.82
N GLU A 50 6.81 12.38 -0.80
CA GLU A 50 7.86 12.17 0.20
C GLU A 50 7.43 11.13 1.22
N THR A 51 8.03 11.19 2.40
CA THR A 51 7.70 10.26 3.48
C THR A 51 6.26 10.41 3.93
N GLY A 52 5.42 9.44 3.59
CA GLY A 52 4.03 9.49 3.97
C GLY A 52 3.45 8.12 4.24
N TRP A 53 3.28 7.33 3.18
CA TRP A 53 2.74 5.98 3.31
C TRP A 53 3.82 4.99 3.74
N SER A 54 3.42 3.95 4.46
CA SER A 54 4.36 2.93 4.93
C SER A 54 3.85 1.54 4.58
N CYS A 55 4.79 0.62 4.36
CA CYS A 55 4.45 -0.75 4.01
C CYS A 55 4.08 -1.55 5.27
N HIS A 56 3.44 -2.69 5.07
CA HIS A 56 3.04 -3.55 6.18
C HIS A 56 4.24 -3.94 7.04
N TYR A 57 5.43 -3.74 6.49
CA TYR A 57 6.66 -4.08 7.19
C TYR A 57 7.87 -3.47 6.49
N CYS A 58 7.70 -2.27 5.95
CA CYS A 58 8.78 -1.58 5.25
C CYS A 58 10.07 -1.66 6.04
N ASP A 59 10.04 -1.20 7.28
CA ASP A 59 11.21 -1.22 8.15
C ASP A 59 10.81 -1.06 9.61
N ASN A 60 11.80 -0.85 10.47
CA ASN A 60 11.56 -0.69 11.90
C ASN A 60 10.53 0.41 12.15
N GLU A 1 4.47 0.00 -10.09
CA GLU A 1 4.01 -0.82 -8.97
C GLU A 1 2.54 -1.18 -9.13
N MET A 2 2.29 -2.41 -9.57
CA MET A 2 0.92 -2.89 -9.75
C MET A 2 0.59 -3.99 -8.76
N CYS A 3 -0.51 -3.81 -8.03
CA CYS A 3 -0.94 -4.79 -7.04
C CYS A 3 -0.60 -6.21 -7.49
N ASP A 4 0.28 -6.87 -6.74
CA ASP A 4 0.69 -8.23 -7.06
C ASP A 4 -0.48 -9.19 -6.96
N VAL A 5 -1.62 -8.68 -6.48
CA VAL A 5 -2.82 -9.49 -6.32
C VAL A 5 -3.86 -9.14 -7.38
N CYS A 6 -3.53 -8.18 -8.24
CA CYS A 6 -4.43 -7.75 -9.30
C CYS A 6 -3.65 -7.32 -10.54
N GLU A 7 -2.68 -6.42 -10.35
CA GLU A 7 -1.87 -5.94 -11.46
C GLU A 7 -2.57 -4.79 -12.18
N VAL A 8 -2.74 -3.67 -11.48
CA VAL A 8 -3.39 -2.51 -12.07
C VAL A 8 -3.23 -1.28 -11.18
N TRP A 9 -2.19 -0.50 -11.46
CA TRP A 9 -1.90 0.70 -10.68
C TRP A 9 -2.98 1.77 -10.92
N THR A 10 -3.03 2.75 -10.04
CA THR A 10 -4.01 3.83 -10.15
C THR A 10 -3.34 5.20 -10.05
N ALA A 11 -3.18 5.67 -8.81
CA ALA A 11 -2.54 6.97 -8.57
C ALA A 11 -2.87 7.48 -7.17
N GLU A 12 -4.16 7.51 -6.84
CA GLU A 12 -4.60 7.98 -5.53
C GLU A 12 -3.58 7.60 -4.45
N SER A 13 -3.33 6.31 -4.30
CA SER A 13 -2.39 5.82 -3.31
C SER A 13 -2.39 4.29 -3.25
N LEU A 14 -1.38 3.69 -3.87
CA LEU A 14 -1.27 2.22 -3.90
C LEU A 14 -0.28 1.74 -2.84
N PHE A 15 -0.63 0.63 -2.19
CA PHE A 15 0.23 0.05 -1.16
C PHE A 15 1.34 -0.79 -1.78
N PRO A 16 2.46 -0.92 -1.05
CA PRO A 16 2.63 -0.29 0.26
C PRO A 16 2.75 1.23 0.17
N CYS A 17 3.67 1.70 -0.66
CA CYS A 17 3.89 3.13 -0.83
C CYS A 17 4.88 3.40 -1.97
N ARG A 18 5.62 4.50 -1.86
CA ARG A 18 6.60 4.87 -2.86
C ARG A 18 7.87 4.03 -2.72
N VAL A 19 8.43 4.01 -1.53
CA VAL A 19 9.64 3.26 -1.26
C VAL A 19 9.36 1.75 -1.23
N CYS A 20 10.04 1.04 -0.34
CA CYS A 20 9.87 -0.39 -0.22
C CYS A 20 9.83 -1.07 -1.59
N THR A 21 9.50 -2.36 -1.61
CA THR A 21 9.42 -3.10 -2.85
C THR A 21 8.03 -3.68 -3.06
N ARG A 22 7.80 -4.88 -2.54
CA ARG A 22 6.51 -5.55 -2.67
C ARG A 22 5.39 -4.53 -2.86
N VAL A 23 4.48 -4.81 -3.77
CA VAL A 23 3.35 -3.92 -4.04
C VAL A 23 2.02 -4.64 -3.85
N PHE A 24 1.11 -4.00 -3.14
CA PHE A 24 -0.21 -4.57 -2.88
C PHE A 24 -1.28 -3.47 -2.80
N HIS A 25 -2.54 -3.89 -2.74
CA HIS A 25 -3.65 -2.95 -2.64
C HIS A 25 -4.03 -2.69 -1.20
N ASP A 26 -4.99 -1.80 -0.99
CA ASP A 26 -5.44 -1.46 0.35
C ASP A 26 -6.54 -2.42 0.82
N GLY A 27 -7.33 -2.90 -0.13
CA GLY A 27 -8.41 -3.81 0.19
C GLY A 27 -7.98 -5.26 0.09
N CYS A 28 -7.19 -5.57 -0.92
CA CYS A 28 -6.71 -6.94 -1.13
C CYS A 28 -6.02 -7.47 0.12
N LEU A 29 -4.99 -6.77 0.56
CA LEU A 29 -4.23 -7.17 1.75
C LEU A 29 -5.17 -7.70 2.83
N ARG A 30 -6.39 -7.15 2.88
CA ARG A 30 -7.38 -7.56 3.86
C ARG A 30 -8.25 -8.69 3.31
N ARG A 31 -8.53 -8.64 2.01
CA ARG A 31 -9.35 -9.65 1.36
C ARG A 31 -8.56 -10.93 1.14
N MET A 32 -7.49 -10.84 0.36
CA MET A 32 -6.65 -12.00 0.07
C MET A 32 -6.18 -12.67 1.35
N GLY A 33 -6.33 -11.96 2.47
CA GLY A 33 -5.92 -12.50 3.75
C GLY A 33 -4.41 -12.42 3.95
N TYR A 34 -3.86 -11.22 3.88
CA TYR A 34 -2.43 -11.02 4.06
C TYR A 34 -2.12 -10.51 5.47
N ILE A 35 -2.93 -9.58 5.95
CA ILE A 35 -2.74 -9.03 7.28
C ILE A 35 -3.95 -9.32 8.18
N GLN A 36 -3.93 -8.77 9.38
CA GLN A 36 -5.02 -8.97 10.33
C GLN A 36 -6.22 -8.09 9.97
N GLY A 37 -5.97 -6.78 9.84
CA GLY A 37 -7.04 -5.87 9.51
C GLY A 37 -7.04 -4.63 10.39
N ASP A 38 -8.09 -3.83 10.29
CA ASP A 38 -8.22 -2.61 11.08
C ASP A 38 -7.07 -1.66 10.79
N SER A 39 -7.41 -0.41 10.48
CA SER A 39 -6.40 0.61 10.17
C SER A 39 -6.77 1.94 10.81
N ALA A 40 -6.16 3.01 10.32
CA ALA A 40 -6.42 4.34 10.84
C ALA A 40 -5.85 5.42 9.92
N ALA A 41 -6.01 6.68 10.31
CA ALA A 41 -5.50 7.79 9.52
C ALA A 41 -6.11 7.81 8.13
N GLU A 42 -6.92 8.82 7.85
CA GLU A 42 -7.57 8.95 6.55
C GLU A 42 -7.58 10.39 6.08
N VAL A 43 -6.67 11.20 6.64
CA VAL A 43 -6.58 12.61 6.28
C VAL A 43 -6.37 12.78 4.78
N THR A 44 -5.26 12.21 4.27
CA THR A 44 -4.95 12.31 2.86
C THR A 44 -4.09 11.13 2.42
N GLU A 45 -3.92 10.97 1.10
CA GLU A 45 -3.13 9.89 0.55
C GLU A 45 -2.68 10.21 -0.87
N MET A 46 -1.44 9.86 -1.19
CA MET A 46 -0.88 10.11 -2.51
C MET A 46 -0.05 8.93 -2.99
N ALA A 47 1.14 8.77 -2.41
CA ALA A 47 2.02 7.67 -2.78
C ALA A 47 3.45 7.94 -2.32
N HIS A 48 3.86 9.20 -2.41
CA HIS A 48 5.21 9.59 -2.00
C HIS A 48 5.23 11.03 -1.50
N THR A 49 5.92 11.25 -0.38
CA THR A 49 6.02 12.57 0.22
C THR A 49 7.14 12.64 1.22
N GLU A 50 7.46 13.85 1.68
CA GLU A 50 8.52 14.05 2.66
C GLU A 50 8.41 13.05 3.80
N THR A 51 7.53 13.32 4.75
CA THR A 51 7.32 12.45 5.90
C THR A 51 7.48 10.99 5.50
N GLY A 52 6.52 10.48 4.73
CA GLY A 52 6.57 9.09 4.29
C GLY A 52 5.34 8.32 4.69
N TRP A 53 4.98 7.32 3.88
CA TRP A 53 3.81 6.50 4.15
C TRP A 53 4.21 5.17 4.78
N SER A 54 3.46 4.77 5.81
CA SER A 54 3.75 3.51 6.50
C SER A 54 3.23 2.32 5.70
N CYS A 55 3.90 1.18 5.87
CA CYS A 55 3.52 -0.04 5.16
C CYS A 55 4.04 -1.27 5.87
N HIS A 56 3.32 -2.38 5.73
CA HIS A 56 3.72 -3.64 6.37
C HIS A 56 5.21 -3.88 6.20
N TYR A 57 5.66 -3.92 4.95
CA TYR A 57 7.07 -4.15 4.65
C TYR A 57 7.90 -2.92 4.95
N CYS A 58 7.24 -1.83 5.31
CA CYS A 58 7.92 -0.58 5.63
C CYS A 58 8.55 -0.64 7.01
N ASP A 59 7.72 -0.77 8.04
CA ASP A 59 8.19 -0.84 9.41
C ASP A 59 9.04 0.38 9.76
N ASN A 60 8.48 1.26 10.59
CA ASN A 60 9.18 2.47 10.99
C ASN A 60 9.47 2.45 12.48
#